data_7MOT
#
_entry.id   7MOT
#
_cell.length_a   92.417
_cell.length_b   99.064
_cell.length_c   139.622
_cell.angle_alpha   90.000
_cell.angle_beta   90.000
_cell.angle_gamma   90.000
#
_symmetry.space_group_name_H-M   'P 21 21 21'
#
loop_
_entity.id
_entity.type
_entity.pdbx_description
1 polymer 'Histone deacetylase 2'
2 non-polymer 'ZINC ION'
3 non-polymer 'SULFATE ION'
4 non-polymer 'CALCIUM ION'
5 non-polymer DI(HYDROXYETHYL)ETHER
6 non-polymer 5-{(1S)-7,7-dihydroxy-1-[(1-methylazetidine-3-carbonyl)amino]nonyl}-2-phenyl-1H-imidazole-4-carboxamide
7 water water
#
_entity_poly.entity_id   1
_entity_poly.type   'polypeptide(L)'
_entity_poly.pdbx_seq_one_letter_code
;MAYSQGGGKKKVCYYYDGDIGNYYYGQGHPMKPHRIRMTHNLLLNYGLYRKMEIYRPHKATAEEMTKYHSDEYIKFLRSI
RPDNMSEYSKQMQRFNVGEDCPVFDGLFEFCQLSTGGSVAGAVKLNRQQTDMAVNWAGGLHHAKKSEASGFCYVNDIVLA
ILELLKYHQRVLYIDIDIHHGDGVEEAFYTTDRVMTVSFHKYGEYFPGTGDLRDIGAGKGKYYAVNFPMRDGIDDESYGQ
IFKPIISKVMEMYQPSAVVLQCGADSLSGDRLGCFNLTVKGHAKCVEVVKTFNLPLLMLGGGGYTIRNVARCWTYETAVA
LDCEIPNELPYNDYFEYFGPDFKLHISPSNMTNQNTPEYMEKIKQRLFENLRMLPH
;
_entity_poly.pdbx_strand_id   A,B,C
#
# COMPACT_ATOMS: atom_id res chain seq x y z
N GLY A 8 -37.85 -4.17 7.59
CA GLY A 8 -37.87 -4.38 9.03
C GLY A 8 -37.43 -5.78 9.42
N LYS A 9 -38.17 -6.42 10.34
CA LYS A 9 -37.87 -7.77 10.81
C LYS A 9 -38.27 -8.81 9.78
N LYS A 10 -37.45 -9.86 9.65
CA LYS A 10 -37.63 -10.90 8.65
C LYS A 10 -37.97 -12.29 9.19
N LYS A 11 -38.54 -13.13 8.32
CA LYS A 11 -38.84 -14.51 8.66
C LYS A 11 -37.51 -15.28 8.51
N VAL A 12 -37.17 -16.11 9.51
CA VAL A 12 -35.94 -16.90 9.48
C VAL A 12 -36.27 -18.36 9.60
N CYS A 13 -35.76 -19.19 8.70
CA CYS A 13 -35.90 -20.64 8.70
C CYS A 13 -34.54 -21.20 9.04
N TYR A 14 -34.49 -22.13 9.97
CA TYR A 14 -33.24 -22.67 10.48
C TYR A 14 -33.23 -24.18 10.29
N TYR A 15 -32.12 -24.71 9.77
CA TYR A 15 -32.00 -26.13 9.46
C TYR A 15 -31.03 -26.78 10.41
N TYR A 16 -31.46 -27.88 11.03
CA TYR A 16 -30.62 -28.59 11.99
C TYR A 16 -31.10 -30.01 12.16
N ASP A 17 -30.16 -30.94 12.22
CA ASP A 17 -30.45 -32.36 12.51
C ASP A 17 -29.73 -32.67 13.81
N GLY A 18 -30.48 -33.16 14.82
CA GLY A 18 -29.97 -33.54 16.14
C GLY A 18 -28.86 -34.57 16.13
N ASP A 19 -28.68 -35.29 15.02
CA ASP A 19 -27.60 -36.26 14.90
C ASP A 19 -26.27 -35.65 14.46
N ILE A 20 -26.29 -34.42 13.91
CA ILE A 20 -25.08 -33.81 13.37
C ILE A 20 -23.90 -33.78 14.33
N GLY A 21 -24.15 -33.52 15.61
CA GLY A 21 -23.09 -33.42 16.61
C GLY A 21 -22.37 -34.71 16.93
N ASN A 22 -22.93 -35.86 16.49
CA ASN A 22 -22.31 -37.14 16.78
C ASN A 22 -21.26 -37.59 15.77
N TYR A 23 -21.15 -36.91 14.63
CA TYR A 23 -20.15 -37.27 13.60
C TYR A 23 -18.78 -36.85 14.13
N TYR A 24 -17.79 -37.74 14.02
CA TYR A 24 -16.49 -37.49 14.63
C TYR A 24 -15.41 -37.72 13.61
N TYR A 25 -14.62 -36.67 13.34
CA TYR A 25 -13.55 -36.77 12.37
C TYR A 25 -12.36 -37.63 12.87
N GLY A 26 -12.25 -37.86 14.17
CA GLY A 26 -11.15 -38.66 14.69
C GLY A 26 -10.27 -37.92 15.67
N GLN A 27 -9.51 -38.67 16.49
CA GLN A 27 -8.63 -38.07 17.50
C GLN A 27 -7.62 -37.12 16.85
N GLY A 28 -7.49 -35.95 17.44
CA GLY A 28 -6.57 -34.92 16.97
C GLY A 28 -7.07 -34.05 15.83
N HIS A 29 -8.20 -34.43 15.19
CA HIS A 29 -8.72 -33.62 14.09
C HIS A 29 -9.44 -32.36 14.63
N PRO A 30 -9.05 -31.17 14.16
CA PRO A 30 -9.66 -29.95 14.71
C PRO A 30 -11.14 -29.71 14.37
N MET A 31 -11.65 -30.33 13.30
CA MET A 31 -13.06 -30.15 12.92
C MET A 31 -13.96 -30.96 13.82
N LYS A 32 -14.81 -30.25 14.57
CA LYS A 32 -15.69 -30.88 15.57
C LYS A 32 -17.15 -30.57 15.31
N PRO A 33 -17.89 -31.48 14.67
CA PRO A 33 -19.33 -31.25 14.41
C PRO A 33 -20.14 -31.00 15.67
N HIS A 34 -19.64 -31.41 16.84
CA HIS A 34 -20.29 -31.15 18.13
C HIS A 34 -20.51 -29.64 18.34
N ARG A 35 -19.65 -28.75 17.73
CA ARG A 35 -19.86 -27.31 17.87
C ARG A 35 -21.24 -26.85 17.31
N ILE A 36 -21.81 -27.60 16.32
N ILE A 36 -21.81 -27.57 16.31
CA ILE A 36 -23.13 -27.30 15.74
CA ILE A 36 -23.12 -27.20 15.78
C ILE A 36 -24.21 -27.58 16.79
C ILE A 36 -24.21 -27.54 16.83
N ARG A 37 -24.04 -28.65 17.58
CA ARG A 37 -24.97 -29.01 18.65
C ARG A 37 -24.83 -28.00 19.82
N MET A 38 -23.60 -27.52 20.11
CA MET A 38 -23.41 -26.51 21.16
C MET A 38 -24.13 -25.22 20.74
N THR A 39 -24.01 -24.84 19.46
CA THR A 39 -24.67 -23.64 18.95
C THR A 39 -26.19 -23.78 19.12
N HIS A 40 -26.75 -24.94 18.66
CA HIS A 40 -28.18 -25.19 18.76
C HIS A 40 -28.66 -25.10 20.20
N ASN A 41 -27.93 -25.76 21.13
CA ASN A 41 -28.36 -25.77 22.52
C ASN A 41 -28.30 -24.39 23.15
N LEU A 42 -27.26 -23.60 22.79
CA LEU A 42 -27.16 -22.25 23.34
C LEU A 42 -28.30 -21.38 22.81
N LEU A 43 -28.57 -21.45 21.49
CA LEU A 43 -29.62 -20.61 20.93
C LEU A 43 -31.03 -21.06 21.47
N LEU A 44 -31.21 -22.35 21.76
CA LEU A 44 -32.45 -22.84 22.35
C LEU A 44 -32.61 -22.25 23.77
N ASN A 45 -31.53 -22.26 24.57
CA ASN A 45 -31.58 -21.74 25.93
C ASN A 45 -31.72 -20.20 25.99
N TYR A 46 -31.41 -19.49 24.89
CA TYR A 46 -31.62 -18.05 24.84
C TYR A 46 -33.10 -17.74 24.41
N GLY A 47 -33.86 -18.76 24.04
CA GLY A 47 -35.24 -18.60 23.60
C GLY A 47 -35.38 -18.21 22.13
N LEU A 48 -34.32 -18.37 21.33
CA LEU A 48 -34.35 -17.98 19.92
C LEU A 48 -35.21 -18.93 19.00
N TYR A 49 -35.72 -20.04 19.57
CA TYR A 49 -36.58 -20.99 18.84
CA TYR A 49 -36.58 -21.02 18.89
C TYR A 49 -37.99 -20.43 18.69
N ARG A 50 -38.44 -19.55 19.61
CA ARG A 50 -39.78 -18.95 19.55
C ARG A 50 -40.00 -18.03 18.37
N LYS A 51 -38.92 -17.58 17.71
CA LYS A 51 -39.04 -16.66 16.59
C LYS A 51 -38.65 -17.28 15.25
N MET A 52 -38.16 -18.53 15.23
CA MET A 52 -37.72 -19.15 13.97
C MET A 52 -38.52 -20.35 13.60
N GLU A 53 -38.58 -20.66 12.30
CA GLU A 53 -39.21 -21.88 11.84
C GLU A 53 -38.06 -22.88 11.83
N ILE A 54 -38.12 -23.95 12.63
CA ILE A 54 -37.02 -24.92 12.70
C ILE A 54 -37.36 -26.13 11.85
N TYR A 55 -36.45 -26.51 10.94
CA TYR A 55 -36.64 -27.64 10.05
C TYR A 55 -35.48 -28.64 10.18
N ARG A 56 -35.75 -29.94 9.98
CA ARG A 56 -34.73 -30.96 9.99
C ARG A 56 -34.48 -31.24 8.52
N PRO A 57 -33.27 -30.99 8.03
CA PRO A 57 -33.02 -31.19 6.60
C PRO A 57 -33.14 -32.63 6.17
N HIS A 58 -33.52 -32.85 4.91
CA HIS A 58 -33.54 -34.20 4.38
C HIS A 58 -32.07 -34.64 4.14
N LYS A 59 -31.84 -35.94 3.94
CA LYS A 59 -30.51 -36.43 3.62
C LYS A 59 -30.39 -36.27 2.11
N ALA A 60 -29.59 -35.28 1.64
CA ALA A 60 -29.41 -35.06 0.19
C ALA A 60 -28.96 -36.33 -0.52
N THR A 61 -29.55 -36.61 -1.67
CA THR A 61 -29.22 -37.83 -2.39
C THR A 61 -27.95 -37.68 -3.19
N ALA A 62 -27.31 -38.83 -3.54
CA ALA A 62 -26.13 -38.82 -4.41
C ALA A 62 -26.44 -38.09 -5.72
N GLU A 63 -27.66 -38.22 -6.21
CA GLU A 63 -28.16 -37.54 -7.39
C GLU A 63 -28.16 -36.02 -7.22
N GLU A 64 -28.64 -35.50 -6.07
CA GLU A 64 -28.65 -34.06 -5.79
C GLU A 64 -27.19 -33.55 -5.79
N MET A 65 -26.28 -34.35 -5.21
CA MET A 65 -24.86 -33.99 -5.14
C MET A 65 -24.19 -33.99 -6.49
N THR A 66 -24.65 -34.84 -7.42
CA THR A 66 -24.04 -34.88 -8.76
C THR A 66 -24.50 -33.75 -9.65
N LYS A 67 -25.29 -32.78 -9.14
CA LYS A 67 -25.60 -31.59 -9.93
C LYS A 67 -24.27 -30.76 -10.08
N TYR A 68 -23.26 -31.02 -9.21
CA TYR A 68 -21.96 -30.38 -9.29
C TYR A 68 -20.86 -31.46 -9.32
N HIS A 69 -20.81 -32.34 -8.31
CA HIS A 69 -19.75 -33.33 -8.20
C HIS A 69 -19.80 -34.46 -9.23
N SER A 70 -18.63 -35.07 -9.54
CA SER A 70 -18.62 -36.16 -10.50
C SER A 70 -19.33 -37.39 -9.94
N ASP A 71 -19.89 -38.20 -10.83
CA ASP A 71 -20.56 -39.44 -10.42
C ASP A 71 -19.59 -40.38 -9.71
N GLU A 72 -18.33 -40.49 -10.19
CA GLU A 72 -17.36 -41.38 -9.55
C GLU A 72 -16.97 -40.93 -8.15
N TYR A 73 -16.87 -39.60 -7.94
CA TYR A 73 -16.48 -39.11 -6.63
C TYR A 73 -17.60 -39.34 -5.62
N ILE A 74 -18.84 -39.06 -5.99
CA ILE A 74 -19.97 -39.28 -5.09
C ILE A 74 -20.17 -40.77 -4.82
N LYS A 75 -19.95 -41.63 -5.84
CA LYS A 75 -20.07 -43.09 -5.63
C LYS A 75 -19.04 -43.56 -4.61
N PHE A 76 -17.81 -43.02 -4.68
CA PHE A 76 -16.76 -43.33 -3.74
C PHE A 76 -17.16 -42.90 -2.32
N LEU A 77 -17.67 -41.65 -2.18
CA LEU A 77 -18.06 -41.16 -0.85
C LEU A 77 -19.15 -42.02 -0.22
N ARG A 78 -20.08 -42.50 -1.03
CA ARG A 78 -21.20 -43.33 -0.58
C ARG A 78 -20.76 -44.78 -0.27
N SER A 79 -19.59 -45.22 -0.77
CA SER A 79 -19.08 -46.57 -0.58
C SER A 79 -18.00 -46.77 0.47
N ILE A 80 -17.13 -45.78 0.66
CA ILE A 80 -16.02 -45.93 1.59
C ILE A 80 -16.41 -45.88 3.07
N ARG A 81 -15.81 -46.77 3.88
CA ARG A 81 -16.05 -46.87 5.33
C ARG A 81 -14.72 -47.24 6.00
N PRO A 82 -14.54 -46.96 7.30
CA PRO A 82 -13.28 -47.36 7.95
C PRO A 82 -12.96 -48.87 7.82
N ASP A 83 -14.00 -49.74 7.76
CA ASP A 83 -13.80 -51.19 7.66
C ASP A 83 -13.41 -51.70 6.28
N ASN A 84 -13.62 -50.90 5.23
CA ASN A 84 -13.26 -51.30 3.87
C ASN A 84 -12.20 -50.40 3.21
N MET A 85 -11.68 -49.38 3.95
CA MET A 85 -10.67 -48.42 3.47
C MET A 85 -9.51 -49.08 2.74
N SER A 86 -9.03 -50.24 3.25
CA SER A 86 -7.90 -50.97 2.67
C SER A 86 -8.08 -51.30 1.20
N GLU A 87 -9.32 -51.49 0.75
CA GLU A 87 -9.60 -51.80 -0.65
C GLU A 87 -9.71 -50.55 -1.55
N TYR A 88 -9.61 -49.34 -0.97
CA TYR A 88 -9.76 -48.10 -1.72
C TYR A 88 -8.55 -47.21 -1.69
N SER A 89 -7.34 -47.74 -1.35
CA SER A 89 -6.14 -46.91 -1.29
C SER A 89 -5.88 -46.08 -2.56
N LYS A 90 -6.25 -46.63 -3.73
CA LYS A 90 -6.09 -45.94 -5.02
C LYS A 90 -7.06 -44.76 -5.15
N GLN A 91 -8.35 -44.99 -4.91
CA GLN A 91 -9.34 -43.93 -5.00
C GLN A 91 -9.16 -42.88 -3.90
N MET A 92 -8.65 -43.28 -2.72
CA MET A 92 -8.40 -42.33 -1.63
C MET A 92 -7.37 -41.28 -2.06
N GLN A 93 -6.32 -41.72 -2.77
CA GLN A 93 -5.30 -40.79 -3.25
C GLN A 93 -5.89 -39.88 -4.32
N ARG A 94 -6.65 -40.46 -5.24
CA ARG A 94 -7.27 -39.74 -6.33
C ARG A 94 -8.26 -38.65 -5.88
N PHE A 95 -9.01 -38.94 -4.82
CA PHE A 95 -10.03 -38.01 -4.30
C PHE A 95 -9.59 -37.19 -3.09
N ASN A 96 -8.31 -37.30 -2.70
CA ASN A 96 -7.70 -36.58 -1.59
C ASN A 96 -8.30 -36.90 -0.21
N VAL A 97 -8.59 -38.18 0.02
CA VAL A 97 -9.07 -38.61 1.32
C VAL A 97 -7.80 -39.03 2.08
N GLY A 98 -7.59 -38.44 3.24
CA GLY A 98 -6.41 -38.66 4.07
C GLY A 98 -6.49 -37.90 5.37
N GLU A 99 -5.39 -37.31 5.85
CA GLU A 99 -5.37 -36.61 7.12
C GLU A 99 -6.39 -35.51 7.26
N ASP A 100 -6.46 -34.57 6.28
CA ASP A 100 -7.42 -33.47 6.40
C ASP A 100 -8.84 -33.94 6.21
N CYS A 101 -9.06 -34.87 5.27
CA CYS A 101 -10.38 -35.37 4.95
C CYS A 101 -10.40 -36.87 5.17
N PRO A 102 -10.44 -37.28 6.44
CA PRO A 102 -10.38 -38.71 6.74
C PRO A 102 -11.66 -39.45 6.52
N VAL A 103 -11.54 -40.78 6.51
CA VAL A 103 -12.70 -41.65 6.40
C VAL A 103 -13.16 -41.81 7.83
N PHE A 104 -14.42 -41.51 8.11
CA PHE A 104 -14.96 -41.69 9.45
C PHE A 104 -16.33 -42.35 9.38
N ASP A 105 -16.77 -42.96 10.48
CA ASP A 105 -18.08 -43.61 10.53
C ASP A 105 -19.18 -42.59 10.21
N GLY A 106 -20.00 -42.89 9.21
CA GLY A 106 -21.12 -42.02 8.83
C GLY A 106 -20.73 -40.82 7.99
N LEU A 107 -19.53 -40.84 7.40
CA LEU A 107 -19.05 -39.74 6.54
C LEU A 107 -20.10 -39.30 5.50
N PHE A 108 -20.66 -40.27 4.76
CA PHE A 108 -21.62 -39.93 3.74
C PHE A 108 -22.86 -39.28 4.31
N GLU A 109 -23.41 -39.83 5.43
CA GLU A 109 -24.59 -39.24 6.05
C GLU A 109 -24.31 -37.81 6.55
N PHE A 110 -23.09 -37.57 7.07
CA PHE A 110 -22.72 -36.22 7.50
C PHE A 110 -22.77 -35.27 6.29
N CYS A 111 -22.24 -35.72 5.11
CA CYS A 111 -22.31 -34.90 3.91
C CYS A 111 -23.75 -34.66 3.49
N GLN A 112 -24.60 -35.72 3.58
CA GLN A 112 -26.00 -35.60 3.22
C GLN A 112 -26.75 -34.57 4.07
N LEU A 113 -26.46 -34.50 5.39
CA LEU A 113 -27.14 -33.57 6.29
C LEU A 113 -26.62 -32.15 6.11
N SER A 114 -25.31 -32.01 5.91
CA SER A 114 -24.70 -30.70 5.67
C SER A 114 -25.28 -30.10 4.38
N THR A 115 -25.32 -30.93 3.32
CA THR A 115 -25.81 -30.53 2.02
C THR A 115 -27.31 -30.31 2.04
N GLY A 116 -28.04 -31.21 2.69
CA GLY A 116 -29.49 -31.13 2.77
C GLY A 116 -29.97 -29.81 3.33
N GLY A 117 -29.31 -29.31 4.38
CA GLY A 117 -29.71 -28.04 4.98
C GLY A 117 -29.51 -26.87 4.03
N SER A 118 -28.38 -26.89 3.28
CA SER A 118 -28.11 -25.78 2.36
C SER A 118 -29.05 -25.75 1.16
N VAL A 119 -29.26 -26.92 0.55
N VAL A 119 -29.26 -26.92 0.55
CA VAL A 119 -30.15 -27.01 -0.60
CA VAL A 119 -30.16 -27.00 -0.60
C VAL A 119 -31.61 -26.74 -0.15
C VAL A 119 -31.61 -26.76 -0.17
N ALA A 120 -32.04 -27.28 1.02
CA ALA A 120 -33.42 -27.03 1.48
C ALA A 120 -33.63 -25.53 1.74
N GLY A 121 -32.62 -24.87 2.31
CA GLY A 121 -32.70 -23.43 2.54
C GLY A 121 -32.83 -22.66 1.23
N ALA A 122 -32.06 -23.07 0.23
CA ALA A 122 -32.10 -22.43 -1.10
C ALA A 122 -33.49 -22.63 -1.72
N VAL A 123 -34.08 -23.83 -1.59
CA VAL A 123 -35.43 -24.07 -2.13
C VAL A 123 -36.45 -23.15 -1.43
N LYS A 124 -36.35 -23.01 -0.12
CA LYS A 124 -37.28 -22.17 0.66
C LYS A 124 -37.17 -20.69 0.23
N LEU A 125 -35.93 -20.22 -0.04
CA LEU A 125 -35.74 -18.86 -0.52
C LEU A 125 -36.33 -18.72 -1.94
N ASN A 126 -36.12 -19.70 -2.79
CA ASN A 126 -36.65 -19.69 -4.17
C ASN A 126 -38.18 -19.61 -4.19
N ARG A 127 -38.82 -20.33 -3.26
CA ARG A 127 -40.28 -20.31 -3.17
C ARG A 127 -40.84 -19.06 -2.50
N GLN A 128 -39.97 -18.10 -2.10
CA GLN A 128 -40.33 -16.85 -1.44
C GLN A 128 -41.09 -17.13 -0.13
N GLN A 129 -40.71 -18.24 0.55
CA GLN A 129 -41.34 -18.62 1.81
C GLN A 129 -40.54 -18.19 3.03
N THR A 130 -39.37 -17.56 2.83
CA THR A 130 -38.57 -17.04 3.91
C THR A 130 -37.68 -15.94 3.37
N ASP A 131 -37.27 -15.06 4.26
CA ASP A 131 -36.36 -13.96 3.92
C ASP A 131 -34.90 -14.45 4.13
N MET A 132 -34.68 -15.23 5.19
CA MET A 132 -33.37 -15.78 5.51
CA MET A 132 -33.37 -15.77 5.51
C MET A 132 -33.46 -17.25 5.83
N ALA A 133 -32.46 -18.03 5.43
CA ALA A 133 -32.40 -19.46 5.71
C ALA A 133 -31.02 -19.68 6.34
N VAL A 134 -30.93 -20.44 7.45
CA VAL A 134 -29.65 -20.64 8.15
C VAL A 134 -29.31 -22.11 8.24
N ASN A 135 -28.06 -22.48 7.89
CA ASN A 135 -27.62 -23.87 8.00
C ASN A 135 -26.22 -23.86 8.57
N TRP A 136 -26.10 -23.91 9.91
CA TRP A 136 -24.76 -23.84 10.50
C TRP A 136 -23.90 -25.06 10.17
N ALA A 137 -24.52 -26.18 9.75
CA ALA A 137 -23.75 -27.36 9.37
C ALA A 137 -23.16 -27.28 7.95
N GLY A 138 -23.50 -26.24 7.20
CA GLY A 138 -23.00 -26.10 5.83
C GLY A 138 -21.82 -25.13 5.78
N GLY A 139 -21.53 -24.63 4.60
CA GLY A 139 -20.41 -23.72 4.41
C GLY A 139 -19.07 -24.39 4.14
N LEU A 140 -19.09 -25.63 3.65
CA LEU A 140 -17.86 -26.42 3.44
C LEU A 140 -17.25 -26.08 2.08
N HIS A 141 -16.67 -24.88 2.06
CA HIS A 141 -16.23 -24.21 0.84
C HIS A 141 -15.05 -24.75 0.07
N HIS A 142 -14.27 -25.71 0.62
CA HIS A 142 -13.09 -26.17 -0.13
C HIS A 142 -13.34 -27.34 -1.07
N ALA A 143 -14.45 -28.07 -0.87
CA ALA A 143 -14.67 -29.25 -1.69
C ALA A 143 -14.76 -28.94 -3.18
N LYS A 144 -14.11 -29.78 -4.00
CA LYS A 144 -14.05 -29.59 -5.45
C LYS A 144 -14.92 -30.59 -6.17
N LYS A 145 -15.11 -30.42 -7.49
CA LYS A 145 -15.93 -31.32 -8.28
C LYS A 145 -15.60 -32.82 -8.03
N SER A 146 -14.31 -33.20 -8.06
CA SER A 146 -13.94 -34.60 -7.84
C SER A 146 -12.85 -34.76 -6.81
N GLU A 147 -12.88 -33.93 -5.75
CA GLU A 147 -11.86 -33.99 -4.74
C GLU A 147 -12.32 -33.38 -3.44
N ALA A 148 -12.02 -34.04 -2.33
CA ALA A 148 -12.27 -33.51 -1.00
C ALA A 148 -11.05 -32.59 -0.71
N SER A 149 -11.23 -31.59 0.13
CA SER A 149 -10.13 -30.71 0.54
C SER A 149 -10.49 -29.96 1.82
N GLY A 150 -9.49 -29.73 2.67
CA GLY A 150 -9.63 -28.91 3.87
C GLY A 150 -10.85 -29.17 4.72
N PHE A 151 -11.04 -30.43 5.06
CA PHE A 151 -12.13 -30.92 5.94
C PHE A 151 -13.49 -30.94 5.27
N CYS A 152 -13.57 -30.64 3.97
CA CYS A 152 -14.80 -30.56 3.17
C CYS A 152 -14.85 -31.66 2.14
N TYR A 153 -16.00 -32.34 2.01
CA TYR A 153 -16.13 -33.43 1.05
C TYR A 153 -17.12 -33.09 -0.03
N VAL A 154 -18.30 -32.55 0.36
CA VAL A 154 -19.30 -32.16 -0.62
C VAL A 154 -19.51 -30.67 -0.48
N ASN A 155 -19.44 -29.96 -1.59
CA ASN A 155 -19.59 -28.51 -1.56
C ASN A 155 -21.05 -28.12 -1.54
N ASP A 156 -21.61 -28.08 -0.33
CA ASP A 156 -23.01 -27.71 -0.13
C ASP A 156 -23.31 -26.30 -0.64
N ILE A 157 -22.30 -25.39 -0.59
CA ILE A 157 -22.47 -24.01 -1.04
C ILE A 157 -22.72 -23.98 -2.52
N VAL A 158 -21.86 -24.69 -3.31
CA VAL A 158 -22.03 -24.71 -4.76
C VAL A 158 -23.41 -25.28 -5.14
N LEU A 159 -23.80 -26.37 -4.46
CA LEU A 159 -25.10 -26.98 -4.71
C LEU A 159 -26.24 -26.01 -4.38
N ALA A 160 -26.14 -25.29 -3.24
CA ALA A 160 -27.18 -24.32 -2.86
C ALA A 160 -27.24 -23.18 -3.90
N ILE A 161 -26.06 -22.74 -4.41
CA ILE A 161 -26.04 -21.66 -5.41
C ILE A 161 -26.65 -22.12 -6.72
N LEU A 162 -26.36 -23.35 -7.15
CA LEU A 162 -26.97 -23.90 -8.37
C LEU A 162 -28.51 -23.93 -8.22
N GLU A 163 -29.00 -24.19 -6.99
CA GLU A 163 -30.44 -24.21 -6.75
C GLU A 163 -30.98 -22.78 -6.89
N LEU A 164 -30.31 -21.78 -6.26
CA LEU A 164 -30.72 -20.39 -6.36
C LEU A 164 -30.70 -19.90 -7.80
N LEU A 165 -29.74 -20.37 -8.60
CA LEU A 165 -29.65 -19.96 -10.03
C LEU A 165 -30.85 -20.38 -10.86
N LYS A 166 -31.70 -21.28 -10.35
CA LYS A 166 -32.90 -21.68 -11.07
C LYS A 166 -33.90 -20.51 -11.11
N TYR A 167 -33.89 -19.61 -10.12
CA TYR A 167 -34.82 -18.49 -10.04
C TYR A 167 -34.16 -17.13 -9.98
N HIS A 168 -32.82 -17.07 -9.81
CA HIS A 168 -32.09 -15.80 -9.69
C HIS A 168 -31.05 -15.67 -10.77
N GLN A 169 -31.07 -14.56 -11.52
CA GLN A 169 -30.09 -14.35 -12.58
C GLN A 169 -28.70 -14.17 -12.03
N ARG A 170 -28.56 -13.41 -10.95
CA ARG A 170 -27.25 -13.14 -10.37
C ARG A 170 -27.26 -13.43 -8.88
N VAL A 171 -26.30 -14.24 -8.44
CA VAL A 171 -26.20 -14.58 -7.02
C VAL A 171 -24.86 -14.10 -6.50
N LEU A 172 -24.87 -13.46 -5.34
CA LEU A 172 -23.64 -12.97 -4.72
C LEU A 172 -23.24 -13.92 -3.57
N TYR A 173 -22.02 -14.37 -3.59
CA TYR A 173 -21.47 -15.23 -2.55
C TYR A 173 -20.42 -14.43 -1.76
N ILE A 174 -20.53 -14.36 -0.41
CA ILE A 174 -19.57 -13.63 0.42
C ILE A 174 -19.02 -14.62 1.44
N ASP A 175 -17.69 -14.66 1.62
CA ASP A 175 -17.08 -15.64 2.51
C ASP A 175 -16.15 -14.97 3.51
N ILE A 176 -16.51 -15.01 4.80
CA ILE A 176 -15.74 -14.39 5.88
C ILE A 176 -14.96 -15.40 6.74
N ASP A 177 -14.88 -16.67 6.30
CA ASP A 177 -14.02 -17.69 6.93
C ASP A 177 -12.56 -17.15 6.77
N ILE A 178 -11.64 -17.51 7.69
CA ILE A 178 -10.27 -17.00 7.53
C ILE A 178 -9.58 -17.59 6.29
N HIS A 179 -10.03 -18.76 5.77
CA HIS A 179 -9.42 -19.39 4.63
C HIS A 179 -10.14 -19.02 3.35
N HIS A 180 -9.37 -18.91 2.25
CA HIS A 180 -9.93 -18.58 0.96
C HIS A 180 -11.04 -19.57 0.53
N GLY A 181 -12.16 -19.05 0.01
CA GLY A 181 -13.28 -19.87 -0.48
C GLY A 181 -12.96 -20.42 -1.86
N ASP A 182 -11.92 -21.24 -1.97
CA ASP A 182 -11.44 -21.74 -3.26
C ASP A 182 -12.39 -22.63 -4.03
N GLY A 183 -13.09 -23.55 -3.37
CA GLY A 183 -13.98 -24.46 -4.09
C GLY A 183 -15.14 -23.73 -4.76
N VAL A 184 -15.70 -22.76 -4.04
CA VAL A 184 -16.80 -21.96 -4.60
C VAL A 184 -16.28 -21.05 -5.71
N GLU A 185 -15.11 -20.40 -5.49
CA GLU A 185 -14.56 -19.53 -6.52
C GLU A 185 -14.28 -20.31 -7.81
N GLU A 186 -13.69 -21.49 -7.68
CA GLU A 186 -13.36 -22.32 -8.82
C GLU A 186 -14.60 -22.78 -9.56
N ALA A 187 -15.67 -23.17 -8.83
CA ALA A 187 -16.87 -23.65 -9.51
C ALA A 187 -17.49 -22.65 -10.44
N PHE A 188 -17.42 -21.38 -10.07
CA PHE A 188 -18.07 -20.31 -10.85
C PHE A 188 -17.06 -19.32 -11.50
N TYR A 189 -15.80 -19.70 -11.57
CA TYR A 189 -14.73 -18.82 -12.07
C TYR A 189 -14.96 -18.25 -13.44
N THR A 190 -15.66 -18.99 -14.33
CA THR A 190 -15.85 -18.52 -15.70
C THR A 190 -17.26 -18.05 -16.02
N THR A 191 -18.08 -17.77 -14.99
CA THR A 191 -19.41 -17.26 -15.23
C THR A 191 -19.63 -15.93 -14.51
N ASP A 192 -20.52 -15.12 -15.07
CA ASP A 192 -20.92 -13.84 -14.49
C ASP A 192 -22.22 -13.96 -13.67
N ARG A 193 -22.83 -15.17 -13.63
CA ARG A 193 -24.07 -15.40 -12.89
C ARG A 193 -23.87 -15.53 -11.38
N VAL A 194 -22.62 -15.68 -10.95
CA VAL A 194 -22.28 -15.70 -9.53
C VAL A 194 -21.06 -14.80 -9.34
N MET A 195 -21.10 -13.90 -8.35
CA MET A 195 -19.91 -13.13 -8.03
C MET A 195 -19.44 -13.68 -6.69
N THR A 196 -18.16 -14.08 -6.60
CA THR A 196 -17.63 -14.62 -5.35
C THR A 196 -16.73 -13.61 -4.71
N VAL A 197 -16.92 -13.32 -3.42
CA VAL A 197 -16.12 -12.33 -2.70
C VAL A 197 -15.57 -12.97 -1.44
N SER A 198 -14.28 -13.10 -1.35
CA SER A 198 -13.65 -13.75 -0.20
C SER A 198 -12.68 -12.84 0.51
N PHE A 199 -12.78 -12.77 1.83
CA PHE A 199 -11.89 -11.99 2.69
C PHE A 199 -11.14 -13.07 3.45
N HIS A 200 -9.80 -13.11 3.35
CA HIS A 200 -9.09 -14.20 4.00
C HIS A 200 -7.64 -13.91 4.26
N LYS A 201 -7.04 -14.69 5.15
CA LYS A 201 -5.59 -14.58 5.38
C LYS A 201 -4.91 -15.15 4.14
N TYR A 202 -3.89 -14.42 3.64
CA TYR A 202 -3.17 -14.83 2.46
C TYR A 202 -1.67 -14.68 2.72
N GLY A 203 -0.92 -15.73 2.45
CA GLY A 203 0.53 -15.76 2.65
C GLY A 203 0.94 -16.86 3.61
N GLU A 204 1.59 -17.93 3.11
CA GLU A 204 2.03 -19.11 3.90
C GLU A 204 0.81 -19.63 4.70
N TYR A 205 -0.30 -19.84 3.98
CA TYR A 205 -1.53 -20.23 4.67
C TYR A 205 -2.43 -21.01 3.74
N PHE A 206 -3.08 -22.03 4.29
CA PHE A 206 -3.99 -22.87 3.50
C PHE A 206 -5.17 -22.05 2.96
N PRO A 207 -5.66 -22.30 1.74
CA PRO A 207 -5.18 -23.28 0.75
C PRO A 207 -4.11 -22.77 -0.21
N GLY A 208 -3.65 -21.53 -0.04
CA GLY A 208 -2.60 -20.97 -0.91
C GLY A 208 -3.08 -20.14 -2.08
N THR A 209 -4.39 -20.08 -2.26
CA THR A 209 -5.04 -19.34 -3.33
C THR A 209 -5.72 -18.06 -2.79
N GLY A 210 -6.33 -17.27 -3.66
CA GLY A 210 -7.01 -16.05 -3.24
C GLY A 210 -6.13 -14.82 -3.32
N ASP A 211 -5.26 -14.76 -4.31
CA ASP A 211 -4.43 -13.56 -4.51
C ASP A 211 -5.36 -12.46 -5.00
N LEU A 212 -5.01 -11.18 -4.69
CA LEU A 212 -5.91 -10.10 -5.13
CA LEU A 212 -5.69 -9.98 -5.13
C LEU A 212 -5.92 -10.01 -6.67
N ARG A 213 -4.93 -10.61 -7.37
CA ARG A 213 -4.92 -10.64 -8.84
C ARG A 213 -5.78 -11.75 -9.45
N ASP A 214 -6.39 -12.61 -8.63
CA ASP A 214 -7.27 -13.65 -9.13
C ASP A 214 -8.66 -13.00 -9.19
N ILE A 215 -9.08 -12.62 -10.41
CA ILE A 215 -10.31 -11.88 -10.58
C ILE A 215 -11.33 -12.55 -11.51
N GLY A 216 -11.12 -13.81 -11.87
CA GLY A 216 -12.03 -14.48 -12.80
C GLY A 216 -11.43 -14.66 -14.17
N ALA A 217 -12.13 -15.38 -15.04
CA ALA A 217 -11.64 -15.62 -16.39
C ALA A 217 -12.80 -15.72 -17.37
N GLY A 218 -12.56 -15.38 -18.64
CA GLY A 218 -13.62 -15.41 -19.67
C GLY A 218 -14.79 -14.51 -19.31
N LYS A 219 -16.03 -15.04 -19.42
CA LYS A 219 -17.23 -14.27 -19.02
C LYS A 219 -17.21 -13.94 -17.51
N GLY A 220 -16.44 -14.68 -16.73
CA GLY A 220 -16.31 -14.45 -15.30
C GLY A 220 -15.28 -13.41 -14.93
N LYS A 221 -14.57 -12.79 -15.92
CA LYS A 221 -13.55 -11.79 -15.57
C LYS A 221 -14.20 -10.61 -14.86
N TYR A 222 -13.67 -10.26 -13.66
CA TYR A 222 -14.15 -9.22 -12.74
C TYR A 222 -15.27 -9.73 -11.80
N TYR A 223 -15.62 -11.03 -11.90
CA TYR A 223 -16.69 -11.60 -11.06
C TYR A 223 -16.16 -12.45 -9.91
N ALA A 224 -14.84 -12.41 -9.67
CA ALA A 224 -14.25 -13.06 -8.51
C ALA A 224 -13.47 -11.93 -7.84
N VAL A 225 -13.67 -11.75 -6.54
CA VAL A 225 -13.05 -10.70 -5.75
C VAL A 225 -12.35 -11.34 -4.58
N ASN A 226 -11.09 -10.98 -4.36
CA ASN A 226 -10.32 -11.52 -3.24
C ASN A 226 -9.67 -10.40 -2.47
N PHE A 227 -9.86 -10.38 -1.16
CA PHE A 227 -9.25 -9.40 -0.28
C PHE A 227 -8.23 -10.13 0.62
N PRO A 228 -6.95 -10.14 0.21
CA PRO A 228 -5.93 -10.84 1.01
C PRO A 228 -5.50 -10.05 2.23
N MET A 229 -5.44 -10.71 3.39
CA MET A 229 -5.12 -10.08 4.66
C MET A 229 -3.95 -10.78 5.36
N ARG A 230 -3.34 -10.05 6.29
CA ARG A 230 -2.24 -10.56 7.10
C ARG A 230 -2.79 -10.88 8.50
N ASP A 231 -1.93 -11.44 9.37
CA ASP A 231 -2.35 -11.75 10.74
C ASP A 231 -2.86 -10.55 11.53
N GLY A 232 -3.71 -10.84 12.51
CA GLY A 232 -4.16 -9.86 13.49
C GLY A 232 -5.20 -8.85 13.14
N ILE A 233 -5.94 -9.03 12.01
CA ILE A 233 -6.99 -8.06 11.68
C ILE A 233 -8.02 -7.93 12.83
N ASP A 234 -8.40 -6.73 13.16
CA ASP A 234 -9.33 -6.47 14.26
C ASP A 234 -10.68 -5.92 13.79
N ASP A 235 -11.64 -5.72 14.72
CA ASP A 235 -12.97 -5.23 14.35
C ASP A 235 -12.96 -3.91 13.58
N GLU A 236 -12.15 -2.97 14.05
CA GLU A 236 -12.03 -1.63 13.46
C GLU A 236 -11.61 -1.74 11.99
N SER A 237 -10.52 -2.46 11.72
CA SER A 237 -9.96 -2.65 10.37
C SER A 237 -10.89 -3.40 9.44
N TYR A 238 -11.47 -4.51 9.92
CA TYR A 238 -12.37 -5.32 9.09
C TYR A 238 -13.62 -4.51 8.73
N GLY A 239 -14.17 -3.80 9.72
CA GLY A 239 -15.38 -3.01 9.52
C GLY A 239 -15.21 -1.91 8.50
N GLN A 240 -14.02 -1.27 8.48
CA GLN A 240 -13.56 -0.18 7.60
C GLN A 240 -13.59 -0.58 6.11
N ILE A 241 -13.40 -1.88 5.80
CA ILE A 241 -13.41 -2.30 4.41
C ILE A 241 -14.60 -3.14 4.03
N PHE A 242 -15.20 -3.86 4.97
CA PHE A 242 -16.30 -4.77 4.61
C PHE A 242 -17.52 -4.04 4.06
N LYS A 243 -18.07 -3.07 4.80
CA LYS A 243 -19.25 -2.33 4.32
C LYS A 243 -18.95 -1.60 3.00
N PRO A 244 -17.85 -0.82 2.86
CA PRO A 244 -17.60 -0.18 1.55
C PRO A 244 -17.48 -1.16 0.37
N ILE A 245 -16.81 -2.32 0.57
CA ILE A 245 -16.68 -3.27 -0.55
C ILE A 245 -18.02 -3.90 -0.88
N ILE A 246 -18.72 -4.40 0.13
CA ILE A 246 -20.03 -5.02 -0.12
C ILE A 246 -21.01 -4.01 -0.72
N SER A 247 -20.99 -2.74 -0.26
CA SER A 247 -21.91 -1.72 -0.84
C SER A 247 -21.61 -1.51 -2.34
N LYS A 248 -20.33 -1.46 -2.71
CA LYS A 248 -19.94 -1.26 -4.11
C LYS A 248 -20.31 -2.46 -4.96
N VAL A 249 -20.13 -3.68 -4.40
CA VAL A 249 -20.52 -4.90 -5.08
C VAL A 249 -22.04 -4.89 -5.30
N MET A 250 -22.84 -4.52 -4.27
CA MET A 250 -24.29 -4.47 -4.42
C MET A 250 -24.69 -3.49 -5.53
N GLU A 251 -24.05 -2.32 -5.51
CA GLU A 251 -24.32 -1.26 -6.48
C GLU A 251 -24.04 -1.69 -7.92
N MET A 252 -22.87 -2.27 -8.17
CA MET A 252 -22.48 -2.68 -9.51
C MET A 252 -23.08 -3.97 -10.01
N TYR A 253 -23.13 -4.99 -9.14
CA TYR A 253 -23.58 -6.31 -9.53
C TYR A 253 -25.08 -6.51 -9.44
N GLN A 254 -25.75 -5.82 -8.49
CA GLN A 254 -27.20 -5.90 -8.28
C GLN A 254 -27.70 -7.36 -8.20
N PRO A 255 -27.16 -8.14 -7.25
CA PRO A 255 -27.58 -9.55 -7.14
C PRO A 255 -29.02 -9.65 -6.67
N SER A 256 -29.70 -10.77 -6.97
CA SER A 256 -31.07 -10.91 -6.46
C SER A 256 -31.15 -11.90 -5.25
N ALA A 257 -30.04 -12.59 -4.93
CA ALA A 257 -29.97 -13.49 -3.78
C ALA A 257 -28.52 -13.48 -3.31
N VAL A 258 -28.33 -13.71 -2.01
CA VAL A 258 -26.98 -13.71 -1.43
C VAL A 258 -26.77 -14.96 -0.58
N VAL A 259 -25.55 -15.49 -0.59
CA VAL A 259 -25.15 -16.62 0.24
C VAL A 259 -23.97 -16.09 1.04
N LEU A 260 -24.02 -16.17 2.36
CA LEU A 260 -22.96 -15.69 3.21
C LEU A 260 -22.39 -16.85 4.05
N GLN A 261 -21.12 -17.18 3.83
CA GLN A 261 -20.40 -18.20 4.57
C GLN A 261 -19.81 -17.48 5.78
N CYS A 262 -20.23 -17.90 7.00
CA CYS A 262 -19.87 -17.31 8.28
C CYS A 262 -18.85 -18.07 9.05
N GLY A 263 -17.83 -18.60 8.40
CA GLY A 263 -16.76 -19.33 9.09
C GLY A 263 -16.22 -18.54 10.25
N ALA A 264 -16.26 -19.14 11.45
CA ALA A 264 -15.88 -18.48 12.71
C ALA A 264 -14.42 -18.60 13.08
N ASP A 265 -13.61 -19.14 12.17
CA ASP A 265 -12.16 -19.23 12.42
C ASP A 265 -11.44 -17.88 12.22
N SER A 266 -12.18 -16.85 11.81
CA SER A 266 -11.70 -15.48 11.71
C SER A 266 -11.80 -14.77 13.10
N LEU A 267 -12.30 -15.47 14.17
CA LEU A 267 -12.39 -14.88 15.50
C LEU A 267 -11.05 -14.99 16.21
N SER A 268 -10.83 -14.02 17.12
CA SER A 268 -9.70 -13.99 18.05
C SER A 268 -9.67 -15.31 18.85
N GLY A 269 -8.49 -15.85 19.08
CA GLY A 269 -8.36 -17.08 19.85
C GLY A 269 -8.69 -18.37 19.14
N ASP A 270 -8.94 -18.34 17.81
CA ASP A 270 -9.23 -19.58 17.09
C ASP A 270 -8.02 -20.49 17.12
N ARG A 271 -8.23 -21.81 17.28
CA ARG A 271 -7.14 -22.78 17.30
C ARG A 271 -6.28 -22.81 16.02
N LEU A 272 -6.88 -22.53 14.87
CA LEU A 272 -6.16 -22.53 13.59
CA LEU A 272 -6.17 -22.54 13.59
C LEU A 272 -5.99 -21.14 13.01
N GLY A 273 -6.91 -20.25 13.30
CA GLY A 273 -6.87 -18.89 12.76
C GLY A 273 -5.88 -17.96 13.45
N CYS A 274 -5.54 -16.87 12.76
CA CYS A 274 -4.60 -15.86 13.24
C CYS A 274 -5.19 -14.45 13.14
N PHE A 275 -6.52 -14.31 13.18
CA PHE A 275 -7.16 -13.01 13.14
C PHE A 275 -7.57 -12.63 14.57
N ASN A 276 -8.10 -11.42 14.76
CA ASN A 276 -8.43 -10.93 16.06
C ASN A 276 -9.80 -10.27 16.14
N LEU A 277 -10.79 -10.82 15.42
CA LEU A 277 -12.13 -10.28 15.47
C LEU A 277 -12.87 -10.74 16.71
N THR A 278 -13.80 -9.92 17.18
CA THR A 278 -14.67 -10.35 18.27
C THR A 278 -15.96 -10.89 17.62
N VAL A 279 -16.89 -11.46 18.41
CA VAL A 279 -18.16 -11.94 17.89
C VAL A 279 -18.95 -10.72 17.31
N LYS A 280 -18.87 -9.54 17.96
CA LYS A 280 -19.56 -8.35 17.43
C LYS A 280 -18.96 -7.95 16.07
N GLY A 281 -17.63 -7.99 15.94
CA GLY A 281 -16.99 -7.63 14.69
C GLY A 281 -17.35 -8.58 13.56
N HIS A 282 -17.40 -9.90 13.86
CA HIS A 282 -17.76 -10.90 12.88
C HIS A 282 -19.24 -10.69 12.49
N ALA A 283 -20.12 -10.54 13.50
CA ALA A 283 -21.56 -10.37 13.27
C ALA A 283 -21.92 -9.08 12.56
N LYS A 284 -21.03 -8.06 12.61
CA LYS A 284 -21.30 -6.81 11.87
C LYS A 284 -21.41 -7.13 10.36
N CYS A 285 -20.68 -8.20 9.88
CA CYS A 285 -20.80 -8.58 8.47
C CYS A 285 -22.19 -9.06 8.15
N VAL A 286 -22.81 -9.81 9.08
CA VAL A 286 -24.18 -10.28 8.90
C VAL A 286 -25.12 -9.07 8.87
N GLU A 287 -24.93 -8.11 9.79
CA GLU A 287 -25.77 -6.89 9.84
C GLU A 287 -25.67 -6.13 8.49
N VAL A 288 -24.43 -5.97 7.98
CA VAL A 288 -24.23 -5.26 6.71
C VAL A 288 -24.98 -5.92 5.56
N VAL A 289 -24.86 -7.25 5.44
CA VAL A 289 -25.51 -7.96 4.34
C VAL A 289 -27.02 -7.94 4.49
N LYS A 290 -27.50 -8.17 5.72
CA LYS A 290 -28.93 -8.20 6.01
C LYS A 290 -29.61 -6.88 5.65
N THR A 291 -28.88 -5.77 5.80
CA THR A 291 -29.41 -4.44 5.53
C THR A 291 -29.88 -4.27 4.07
N PHE A 292 -29.30 -5.02 3.11
CA PHE A 292 -29.71 -4.91 1.69
C PHE A 292 -31.06 -5.54 1.38
N ASN A 293 -31.69 -6.20 2.37
CA ASN A 293 -33.01 -6.77 2.18
C ASN A 293 -33.16 -7.71 0.98
N LEU A 294 -32.17 -8.57 0.76
CA LEU A 294 -32.25 -9.55 -0.32
C LEU A 294 -32.38 -10.95 0.29
N PRO A 295 -32.98 -11.90 -0.44
CA PRO A 295 -33.04 -13.31 0.03
C PRO A 295 -31.63 -13.77 0.42
N LEU A 296 -31.46 -14.25 1.66
CA LEU A 296 -30.12 -14.56 2.17
C LEU A 296 -30.00 -15.96 2.79
N LEU A 297 -28.98 -16.71 2.39
CA LEU A 297 -28.70 -18.02 2.93
C LEU A 297 -27.45 -17.86 3.77
N MET A 298 -27.53 -18.09 5.08
CA MET A 298 -26.40 -17.96 6.00
C MET A 298 -25.88 -19.34 6.32
N LEU A 299 -24.59 -19.56 6.11
CA LEU A 299 -23.97 -20.87 6.31
C LEU A 299 -22.82 -20.84 7.31
N GLY A 300 -22.45 -22.00 7.82
CA GLY A 300 -21.34 -22.10 8.74
C GLY A 300 -20.03 -22.18 7.97
N GLY A 301 -19.10 -22.96 8.49
CA GLY A 301 -17.77 -23.13 7.87
C GLY A 301 -16.78 -23.49 8.94
N GLY A 302 -15.60 -22.89 8.90
CA GLY A 302 -14.58 -23.16 9.91
C GLY A 302 -14.94 -22.63 11.28
N GLY A 303 -14.03 -22.84 12.23
CA GLY A 303 -14.23 -22.42 13.62
C GLY A 303 -13.78 -23.61 14.45
N TYR A 304 -12.65 -23.41 15.17
CA TYR A 304 -11.94 -24.51 15.86
C TYR A 304 -11.75 -24.31 17.36
N THR A 305 -12.19 -23.17 17.93
CA THR A 305 -12.24 -22.97 19.42
C THR A 305 -13.76 -23.03 19.60
N ILE A 306 -14.28 -24.23 19.90
CA ILE A 306 -15.70 -24.48 19.77
C ILE A 306 -16.59 -23.65 20.68
N ARG A 307 -16.14 -23.23 21.88
CA ARG A 307 -16.99 -22.36 22.69
C ARG A 307 -17.25 -21.01 21.96
N ASN A 308 -16.24 -20.52 21.21
CA ASN A 308 -16.40 -19.26 20.49
C ASN A 308 -17.23 -19.41 19.24
N VAL A 309 -17.19 -20.59 18.59
CA VAL A 309 -18.02 -20.86 17.43
C VAL A 309 -19.49 -20.85 17.89
N ALA A 310 -19.78 -21.51 19.03
CA ALA A 310 -21.16 -21.52 19.55
C ALA A 310 -21.62 -20.10 19.86
N ARG A 311 -20.77 -19.29 20.50
CA ARG A 311 -21.14 -17.90 20.80
C ARG A 311 -21.44 -17.12 19.51
N CYS A 312 -20.52 -17.26 18.53
CA CYS A 312 -20.60 -16.52 17.28
C CYS A 312 -21.87 -16.79 16.52
N TRP A 313 -22.16 -18.08 16.30
CA TRP A 313 -23.32 -18.45 15.51
C TRP A 313 -24.62 -18.24 16.28
N THR A 314 -24.59 -18.28 17.63
CA THR A 314 -25.80 -17.97 18.40
C THR A 314 -26.10 -16.46 18.21
N TYR A 315 -25.05 -15.62 18.33
CA TYR A 315 -25.23 -14.18 18.18
C TYR A 315 -25.66 -13.84 16.75
N GLU A 316 -25.10 -14.53 15.74
CA GLU A 316 -25.49 -14.25 14.35
C GLU A 316 -26.94 -14.68 14.05
N THR A 317 -27.42 -15.70 14.75
CA THR A 317 -28.81 -16.13 14.58
C THR A 317 -29.71 -15.01 15.21
N ALA A 318 -29.31 -14.48 16.38
CA ALA A 318 -30.04 -13.38 17.03
C ALA A 318 -30.05 -12.15 16.10
N VAL A 319 -28.93 -11.87 15.42
CA VAL A 319 -28.84 -10.75 14.46
C VAL A 319 -29.82 -10.98 13.33
N ALA A 320 -29.87 -12.21 12.79
CA ALA A 320 -30.82 -12.53 11.70
C ALA A 320 -32.27 -12.28 12.12
N LEU A 321 -32.57 -12.56 13.38
CA LEU A 321 -33.91 -12.40 13.95
C LEU A 321 -34.20 -10.99 14.46
N ASP A 322 -33.21 -10.08 14.46
CA ASP A 322 -33.36 -8.73 15.02
C ASP A 322 -33.78 -8.84 16.50
N CYS A 323 -33.19 -9.82 17.20
CA CYS A 323 -33.49 -10.04 18.58
CA CYS A 323 -33.48 -10.08 18.59
C CYS A 323 -32.27 -9.72 19.41
N GLU A 324 -32.45 -8.96 20.48
CA GLU A 324 -31.37 -8.60 21.36
C GLU A 324 -31.33 -9.70 22.40
N ILE A 325 -30.12 -10.15 22.76
CA ILE A 325 -29.95 -11.19 23.77
C ILE A 325 -28.89 -10.74 24.77
N PRO A 326 -29.08 -11.09 26.05
CA PRO A 326 -28.11 -10.64 27.07
C PRO A 326 -26.71 -11.23 26.96
N ASN A 327 -25.71 -10.50 27.49
CA ASN A 327 -24.33 -10.98 27.48
C ASN A 327 -24.17 -12.15 28.47
N GLU A 328 -24.97 -12.18 29.54
CA GLU A 328 -24.90 -13.28 30.52
C GLU A 328 -25.46 -14.52 29.84
N LEU A 329 -24.65 -15.59 29.75
CA LEU A 329 -25.13 -16.79 29.08
C LEU A 329 -26.20 -17.50 29.91
N PRO A 330 -27.24 -17.99 29.27
CA PRO A 330 -28.24 -18.76 30.02
C PRO A 330 -27.62 -20.14 30.33
N TYR A 331 -28.15 -20.82 31.38
CA TYR A 331 -27.68 -22.19 31.67
C TYR A 331 -27.99 -23.07 30.42
N ASN A 332 -27.11 -24.02 30.12
CA ASN A 332 -27.27 -24.86 28.93
C ASN A 332 -26.50 -26.16 29.15
N ASP A 333 -26.66 -27.13 28.25
CA ASP A 333 -26.02 -28.44 28.41
C ASP A 333 -24.52 -28.44 28.38
N TYR A 334 -23.92 -27.35 27.90
CA TYR A 334 -22.47 -27.24 27.77
C TYR A 334 -21.96 -26.02 28.52
N PHE A 335 -22.68 -25.58 29.58
CA PHE A 335 -22.33 -24.38 30.33
C PHE A 335 -20.86 -24.29 30.73
N GLU A 336 -20.30 -25.38 31.23
CA GLU A 336 -18.90 -25.41 31.65
C GLU A 336 -17.88 -25.10 30.55
N TYR A 337 -18.28 -25.29 29.27
CA TYR A 337 -17.35 -24.97 28.16
C TYR A 337 -17.13 -23.45 28.03
N PHE A 338 -18.03 -22.64 28.59
CA PHE A 338 -17.97 -21.19 28.47
C PHE A 338 -17.32 -20.47 29.62
N GLY A 339 -16.68 -21.21 30.52
CA GLY A 339 -15.96 -20.60 31.61
C GLY A 339 -14.68 -19.95 31.09
N PRO A 340 -14.00 -19.15 31.90
CA PRO A 340 -14.34 -18.77 33.29
C PRO A 340 -15.32 -17.63 33.43
N ASP A 341 -15.72 -16.98 32.34
CA ASP A 341 -16.60 -15.81 32.35
C ASP A 341 -18.11 -16.07 32.19
N PHE A 342 -18.46 -17.08 31.41
CA PHE A 342 -19.85 -17.44 31.12
C PHE A 342 -20.61 -16.27 30.49
N LYS A 343 -19.93 -15.55 29.57
CA LYS A 343 -20.52 -14.44 28.82
C LYS A 343 -20.54 -14.83 27.35
N LEU A 344 -21.40 -14.16 26.58
CA LEU A 344 -21.54 -14.42 25.15
C LEU A 344 -20.42 -13.77 24.36
N HIS A 345 -20.11 -12.50 24.67
CA HIS A 345 -19.13 -11.75 23.91
C HIS A 345 -17.71 -11.99 24.36
N ILE A 346 -16.79 -11.86 23.41
CA ILE A 346 -15.38 -12.12 23.66
C ILE A 346 -14.54 -10.87 23.51
N SER A 347 -13.36 -10.88 24.14
CA SER A 347 -12.43 -9.78 24.09
C SER A 347 -11.34 -10.09 23.06
N PRO A 348 -10.86 -9.08 22.32
CA PRO A 348 -9.75 -9.35 21.40
C PRO A 348 -8.47 -9.54 22.21
N SER A 349 -7.48 -10.18 21.60
CA SER A 349 -6.18 -10.39 22.24
C SER A 349 -5.26 -9.16 22.00
N ASN A 350 -4.04 -9.20 22.55
CA ASN A 350 -3.06 -8.13 22.36
C ASN A 350 -2.22 -8.31 21.08
N MET A 351 -2.58 -9.28 20.20
CA MET A 351 -1.78 -9.53 19.00
C MET A 351 -1.70 -8.29 18.10
N THR A 352 -0.54 -8.12 17.45
CA THR A 352 -0.34 -6.99 16.57
C THR A 352 -1.16 -7.18 15.32
N ASN A 353 -1.79 -6.11 14.85
CA ASN A 353 -2.52 -6.14 13.61
C ASN A 353 -1.52 -5.77 12.52
N GLN A 354 -1.13 -6.75 11.72
CA GLN A 354 -0.18 -6.53 10.64
CA GLN A 354 -0.18 -6.56 10.63
C GLN A 354 -0.79 -5.83 9.42
N ASN A 355 -2.12 -5.69 9.38
CA ASN A 355 -2.85 -5.02 8.31
C ASN A 355 -2.88 -3.55 8.67
N THR A 356 -1.88 -2.79 8.21
CA THR A 356 -1.87 -1.36 8.54
C THR A 356 -3.07 -0.66 7.90
N PRO A 357 -3.49 0.50 8.41
CA PRO A 357 -4.60 1.22 7.76
C PRO A 357 -4.31 1.55 6.29
N GLU A 358 -3.02 1.81 5.96
CA GLU A 358 -2.66 2.12 4.57
C GLU A 358 -2.79 0.89 3.68
N TYR A 359 -2.41 -0.28 4.19
CA TYR A 359 -2.54 -1.52 3.43
C TYR A 359 -4.02 -1.79 3.16
N MET A 360 -4.86 -1.63 4.19
CA MET A 360 -6.31 -1.87 4.01
C MET A 360 -6.91 -0.95 2.94
N GLU A 361 -6.56 0.32 2.99
CA GLU A 361 -7.06 1.29 2.00
C GLU A 361 -6.57 0.98 0.62
N LYS A 362 -5.28 0.60 0.51
CA LYS A 362 -4.70 0.30 -0.81
C LYS A 362 -5.35 -0.90 -1.45
N ILE A 363 -5.56 -1.99 -0.70
CA ILE A 363 -6.22 -3.17 -1.27
C ILE A 363 -7.66 -2.84 -1.66
N LYS A 364 -8.35 -2.07 -0.80
CA LYS A 364 -9.74 -1.66 -1.10
C LYS A 364 -9.79 -0.85 -2.40
N GLN A 365 -8.82 0.04 -2.60
CA GLN A 365 -8.80 0.84 -3.83
C GLN A 365 -8.51 -0.03 -5.06
N ARG A 366 -7.66 -1.07 -4.95
CA ARG A 366 -7.40 -1.96 -6.09
C ARG A 366 -8.70 -2.74 -6.44
N LEU A 367 -9.44 -3.18 -5.41
CA LEU A 367 -10.70 -3.89 -5.64
C LEU A 367 -11.73 -2.96 -6.26
N PHE A 368 -11.78 -1.69 -5.82
CA PHE A 368 -12.69 -0.70 -6.39
C PHE A 368 -12.37 -0.51 -7.88
N GLU A 369 -11.07 -0.52 -8.29
CA GLU A 369 -10.70 -0.37 -9.71
CA GLU A 369 -10.73 -0.36 -9.71
C GLU A 369 -11.29 -1.53 -10.53
N ASN A 370 -11.23 -2.75 -9.97
CA ASN A 370 -11.75 -3.91 -10.67
C ASN A 370 -13.25 -3.85 -10.76
N LEU A 371 -13.93 -3.37 -9.71
CA LEU A 371 -15.38 -3.25 -9.69
C LEU A 371 -15.87 -2.20 -10.70
N ARG A 372 -15.04 -1.19 -11.04
CA ARG A 372 -15.41 -0.21 -12.07
C ARG A 372 -15.51 -0.87 -13.45
N MET A 373 -14.89 -2.05 -13.63
CA MET A 373 -14.89 -2.77 -14.90
C MET A 373 -16.16 -3.57 -15.18
N LEU A 374 -17.11 -3.63 -14.24
CA LEU A 374 -18.36 -4.36 -14.47
C LEU A 374 -19.30 -3.56 -15.40
N PRO A 375 -20.23 -4.22 -16.14
CA PRO A 375 -21.11 -3.45 -17.03
C PRO A 375 -22.22 -2.69 -16.30
N LYS B 10 23.11 -7.06 -22.77
CA LYS B 10 23.97 -7.81 -21.86
C LYS B 10 23.20 -8.80 -20.98
N LYS B 11 23.77 -10.00 -20.79
CA LYS B 11 23.19 -11.09 -20.01
C LYS B 11 23.41 -10.92 -18.52
N VAL B 12 22.37 -11.23 -17.71
CA VAL B 12 22.45 -11.12 -16.25
C VAL B 12 22.16 -12.45 -15.53
N CYS B 13 23.07 -12.86 -14.63
CA CYS B 13 22.83 -14.03 -13.80
C CYS B 13 22.70 -13.54 -12.36
N TYR B 14 21.87 -14.19 -11.59
CA TYR B 14 21.54 -13.71 -10.25
C TYR B 14 21.48 -14.88 -9.30
N TYR B 15 22.10 -14.72 -8.12
CA TYR B 15 22.20 -15.79 -7.15
C TYR B 15 21.32 -15.56 -5.96
N TYR B 16 20.57 -16.61 -5.56
CA TYR B 16 19.70 -16.50 -4.40
C TYR B 16 19.37 -17.87 -3.84
N ASP B 17 19.49 -18.02 -2.52
CA ASP B 17 19.09 -19.27 -1.87
C ASP B 17 17.91 -18.89 -0.95
N GLY B 18 16.80 -19.62 -1.06
CA GLY B 18 15.60 -19.37 -0.26
C GLY B 18 15.73 -19.47 1.24
N ASP B 19 16.83 -20.04 1.74
CA ASP B 19 17.02 -20.12 3.20
C ASP B 19 17.64 -18.80 3.71
N ILE B 20 18.24 -17.98 2.82
CA ILE B 20 18.99 -16.81 3.26
C ILE B 20 18.22 -15.86 4.17
N GLY B 21 16.95 -15.64 3.88
CA GLY B 21 16.14 -14.72 4.69
C GLY B 21 15.80 -15.19 6.08
N ASN B 22 16.05 -16.49 6.38
CA ASN B 22 15.72 -17.04 7.69
C ASN B 22 16.82 -16.89 8.72
N TYR B 23 18.04 -16.55 8.29
CA TYR B 23 19.14 -16.38 9.25
C TYR B 23 18.87 -15.12 10.05
N TYR B 24 19.04 -15.20 11.36
CA TYR B 24 18.69 -14.11 12.23
C TYR B 24 19.82 -13.73 13.16
N TYR B 25 20.29 -12.48 13.05
CA TYR B 25 21.39 -11.99 13.89
C TYR B 25 21.03 -11.83 15.36
N GLY B 26 19.73 -11.79 15.67
CA GLY B 26 19.30 -11.62 17.06
C GLY B 26 18.53 -10.34 17.30
N GLN B 27 17.75 -10.32 18.41
CA GLN B 27 16.94 -9.17 18.77
C GLN B 27 17.78 -7.91 18.91
N GLY B 28 17.34 -6.86 18.26
CA GLY B 28 18.00 -5.57 18.30
C GLY B 28 19.12 -5.37 17.30
N HIS B 29 19.56 -6.47 16.63
CA HIS B 29 20.66 -6.33 15.67
C HIS B 29 20.12 -5.74 14.38
N PRO B 30 20.74 -4.67 13.88
CA PRO B 30 20.21 -4.03 12.66
C PRO B 30 20.35 -4.82 11.36
N MET B 31 21.24 -5.81 11.30
CA MET B 31 21.39 -6.56 10.03
C MET B 31 20.30 -7.57 9.93
N LYS B 32 19.52 -7.49 8.84
CA LYS B 32 18.36 -8.34 8.62
C LYS B 32 18.38 -9.06 7.28
N PRO B 33 18.89 -10.32 7.24
CA PRO B 33 18.92 -11.06 5.98
C PRO B 33 17.56 -11.17 5.29
N HIS B 34 16.46 -11.02 6.04
CA HIS B 34 15.10 -11.02 5.44
C HIS B 34 14.99 -9.96 4.32
N ARG B 35 15.80 -8.85 4.37
CA ARG B 35 15.73 -7.85 3.30
C ARG B 35 16.09 -8.47 1.94
N ILE B 36 16.93 -9.53 1.93
CA ILE B 36 17.30 -10.20 0.66
C ILE B 36 16.09 -10.94 0.07
N ARG B 37 15.30 -11.57 0.95
CA ARG B 37 14.07 -12.27 0.55
C ARG B 37 13.03 -11.24 0.07
N MET B 38 12.91 -10.09 0.78
CA MET B 38 11.97 -9.04 0.31
C MET B 38 12.36 -8.56 -1.10
N THR B 39 13.68 -8.41 -1.35
CA THR B 39 14.14 -8.03 -2.69
C THR B 39 13.76 -9.05 -3.71
N HIS B 40 14.02 -10.33 -3.41
CA HIS B 40 13.72 -11.42 -4.34
C HIS B 40 12.24 -11.47 -4.67
N ASN B 41 11.40 -11.32 -3.64
CA ASN B 41 9.96 -11.43 -3.90
C ASN B 41 9.43 -10.21 -4.65
N LEU B 42 10.02 -9.02 -4.43
CA LEU B 42 9.56 -7.85 -5.18
C LEU B 42 9.95 -8.01 -6.67
N LEU B 43 11.18 -8.49 -6.97
N LEU B 43 11.15 -8.54 -6.95
CA LEU B 43 11.56 -8.64 -8.39
CA LEU B 43 11.62 -8.80 -8.31
C LEU B 43 10.74 -9.80 -9.06
C LEU B 43 10.69 -9.76 -9.01
N LEU B 44 10.27 -10.82 -8.29
CA LEU B 44 9.38 -11.85 -8.88
C LEU B 44 8.09 -11.20 -9.32
N ASN B 45 7.52 -10.36 -8.42
CA ASN B 45 6.23 -9.74 -8.67
C ASN B 45 6.27 -8.65 -9.72
N TYR B 46 7.46 -8.09 -10.00
CA TYR B 46 7.60 -7.15 -11.09
C TYR B 46 7.78 -7.88 -12.45
N GLY B 47 7.92 -9.22 -12.43
CA GLY B 47 8.11 -9.99 -13.65
C GLY B 47 9.54 -10.04 -14.13
N LEU B 48 10.51 -9.61 -13.30
CA LEU B 48 11.91 -9.51 -13.70
C LEU B 48 12.64 -10.86 -13.84
N TYR B 49 12.06 -11.98 -13.38
CA TYR B 49 12.76 -13.28 -13.54
C TYR B 49 12.82 -13.72 -15.00
N ARG B 50 11.87 -13.27 -15.82
CA ARG B 50 11.79 -13.70 -17.22
C ARG B 50 13.07 -13.46 -18.03
N LYS B 51 13.75 -12.36 -17.73
CA LYS B 51 14.94 -11.97 -18.47
C LYS B 51 16.27 -12.30 -17.81
N MET B 52 16.27 -12.97 -16.64
CA MET B 52 17.59 -13.28 -16.06
CA MET B 52 17.51 -13.27 -15.93
C MET B 52 17.70 -14.76 -15.66
N GLU B 53 18.96 -15.22 -15.55
CA GLU B 53 19.23 -16.60 -15.21
C GLU B 53 19.34 -16.57 -13.70
N ILE B 54 18.47 -17.31 -13.01
CA ILE B 54 18.50 -17.35 -11.57
C ILE B 54 19.06 -18.66 -11.11
N TYR B 55 20.06 -18.59 -10.21
CA TYR B 55 20.71 -19.78 -9.69
C TYR B 55 20.70 -19.81 -8.19
N ARG B 56 20.73 -21.01 -7.61
CA ARG B 56 20.88 -21.17 -6.19
C ARG B 56 22.40 -21.36 -6.03
N PRO B 57 23.04 -20.57 -5.17
CA PRO B 57 24.48 -20.73 -4.97
C PRO B 57 24.79 -22.03 -4.26
N HIS B 58 26.02 -22.53 -4.46
CA HIS B 58 26.47 -23.69 -3.69
C HIS B 58 26.88 -23.12 -2.31
N LYS B 59 27.07 -23.99 -1.33
CA LYS B 59 27.61 -23.58 -0.04
C LYS B 59 29.12 -23.59 -0.22
N ALA B 60 29.76 -22.40 -0.17
CA ALA B 60 31.21 -22.31 -0.32
C ALA B 60 31.93 -23.17 0.74
N THR B 61 32.92 -23.94 0.30
CA THR B 61 33.64 -24.82 1.20
C THR B 61 34.68 -24.09 2.06
N ALA B 62 35.17 -24.75 3.14
CA ALA B 62 36.26 -24.17 3.94
C ALA B 62 37.50 -23.96 3.04
N GLU B 63 37.73 -24.84 2.04
CA GLU B 63 38.84 -24.74 1.10
C GLU B 63 38.71 -23.46 0.24
N GLU B 64 37.49 -23.15 -0.19
CA GLU B 64 37.26 -21.92 -0.96
C GLU B 64 37.51 -20.70 -0.06
N MET B 65 37.05 -20.75 1.19
CA MET B 65 37.19 -19.60 2.11
C MET B 65 38.63 -19.37 2.54
N THR B 66 39.43 -20.46 2.62
CA THR B 66 40.83 -20.28 3.04
C THR B 66 41.76 -19.79 1.91
N LYS B 67 41.20 -19.51 0.71
CA LYS B 67 41.98 -18.85 -0.33
C LYS B 67 42.38 -17.43 0.15
N TYR B 68 41.66 -16.88 1.18
CA TYR B 68 41.96 -15.63 1.80
C TYR B 68 42.07 -15.81 3.32
N HIS B 69 40.99 -16.27 3.98
CA HIS B 69 40.98 -16.37 5.43
C HIS B 69 41.90 -17.42 6.01
N SER B 70 42.34 -17.23 7.26
CA SER B 70 43.19 -18.23 7.88
C SER B 70 42.39 -19.50 8.18
N ASP B 71 43.09 -20.65 8.14
CA ASP B 71 42.47 -21.93 8.41
C ASP B 71 41.89 -21.97 9.83
N GLU B 72 42.57 -21.36 10.79
CA GLU B 72 42.14 -21.31 12.18
C GLU B 72 40.82 -20.53 12.32
N TYR B 73 40.72 -19.38 11.64
CA TYR B 73 39.49 -18.58 11.71
C TYR B 73 38.30 -19.32 11.09
N ILE B 74 38.49 -19.91 9.91
CA ILE B 74 37.41 -20.66 9.25
C ILE B 74 36.99 -21.87 10.06
N LYS B 75 37.97 -22.57 10.69
CA LYS B 75 37.62 -23.73 11.54
C LYS B 75 36.74 -23.28 12.71
N PHE B 76 37.05 -22.11 13.28
CA PHE B 76 36.29 -21.52 14.37
C PHE B 76 34.84 -21.22 13.88
N LEU B 77 34.69 -20.54 12.71
CA LEU B 77 33.35 -20.24 12.21
C LEU B 77 32.54 -21.52 11.96
N ARG B 78 33.21 -22.59 11.49
CA ARG B 78 32.53 -23.86 11.20
C ARG B 78 32.14 -24.62 12.48
N SER B 79 32.78 -24.30 13.62
CA SER B 79 32.55 -24.99 14.89
C SER B 79 31.66 -24.28 15.89
N ILE B 80 31.71 -22.95 15.93
CA ILE B 80 30.99 -22.16 16.92
C ILE B 80 29.47 -22.19 16.76
N ARG B 81 28.76 -22.39 17.88
CA ARG B 81 27.31 -22.44 17.89
C ARG B 81 26.79 -21.82 19.18
N PRO B 82 25.53 -21.35 19.24
CA PRO B 82 25.00 -20.81 20.50
C PRO B 82 25.13 -21.80 21.67
N ASP B 83 24.99 -23.12 21.42
CA ASP B 83 25.05 -24.09 22.53
C ASP B 83 26.46 -24.50 22.97
N ASN B 84 27.52 -24.06 22.26
CA ASN B 84 28.88 -24.40 22.70
C ASN B 84 29.76 -23.15 22.97
N MET B 85 29.17 -21.92 22.85
CA MET B 85 29.82 -20.63 23.06
C MET B 85 30.62 -20.51 24.33
N SER B 86 30.09 -21.04 25.45
CA SER B 86 30.78 -20.99 26.74
C SER B 86 32.16 -21.65 26.70
N GLU B 87 32.40 -22.58 25.74
CA GLU B 87 33.70 -23.25 25.62
C GLU B 87 34.68 -22.52 24.69
N TYR B 88 34.24 -21.43 24.02
CA TYR B 88 35.06 -20.72 23.05
C TYR B 88 35.31 -19.25 23.40
N SER B 89 35.31 -18.87 24.68
CA SER B 89 35.56 -17.46 25.05
C SER B 89 36.85 -16.88 24.47
N LYS B 90 37.97 -17.64 24.53
CA LYS B 90 39.24 -17.15 24.00
C LYS B 90 39.22 -16.92 22.50
N GLN B 91 38.68 -17.88 21.73
CA GLN B 91 38.61 -17.74 20.29
C GLN B 91 37.61 -16.66 19.88
N MET B 92 36.50 -16.49 20.62
CA MET B 92 35.54 -15.42 20.30
C MET B 92 36.20 -14.05 20.44
N GLN B 93 37.08 -13.90 21.45
CA GLN B 93 37.80 -12.66 21.65
C GLN B 93 38.83 -12.46 20.54
N ARG B 94 39.60 -13.51 20.21
CA ARG B 94 40.63 -13.39 19.17
C ARG B 94 40.02 -13.09 17.80
N PHE B 95 38.89 -13.73 17.50
CA PHE B 95 38.25 -13.58 16.20
C PHE B 95 37.18 -12.47 16.12
N ASN B 96 37.00 -11.70 17.22
CA ASN B 96 36.10 -10.57 17.28
C ASN B 96 34.63 -10.91 17.06
N VAL B 97 34.21 -12.03 17.65
CA VAL B 97 32.81 -12.42 17.59
C VAL B 97 32.22 -11.89 18.89
N GLY B 98 31.22 -11.03 18.75
CA GLY B 98 30.57 -10.36 19.85
C GLY B 98 29.34 -9.59 19.42
N GLU B 99 29.15 -8.35 19.92
CA GLU B 99 27.94 -7.60 19.61
C GLU B 99 27.71 -7.38 18.13
N ASP B 100 28.72 -6.86 17.40
CA ASP B 100 28.49 -6.61 15.97
C ASP B 100 28.39 -7.90 15.19
N CYS B 101 29.20 -8.90 15.54
CA CYS B 101 29.25 -10.17 14.83
C CYS B 101 28.89 -11.27 15.79
N PRO B 102 27.61 -11.41 16.11
CA PRO B 102 27.21 -12.40 17.10
C PRO B 102 27.22 -13.84 16.59
N VAL B 103 27.11 -14.80 17.53
CA VAL B 103 27.00 -16.19 17.17
C VAL B 103 25.51 -16.40 17.03
N PHE B 104 25.06 -16.89 15.88
CA PHE B 104 23.65 -17.19 15.68
C PHE B 104 23.51 -18.56 15.05
N ASP B 105 22.33 -19.18 15.16
CA ASP B 105 22.08 -20.49 14.58
C ASP B 105 22.27 -20.44 13.07
N GLY B 106 23.11 -21.34 12.55
CA GLY B 106 23.32 -21.41 11.11
C GLY B 106 24.29 -20.37 10.57
N LEU B 107 25.04 -19.72 11.46
CA LEU B 107 26.04 -18.71 11.05
C LEU B 107 26.96 -19.18 9.91
N PHE B 108 27.54 -20.40 10.02
CA PHE B 108 28.46 -20.87 9.00
C PHE B 108 27.73 -21.06 7.69
N GLU B 109 26.52 -21.62 7.71
CA GLU B 109 25.76 -21.81 6.46
C GLU B 109 25.44 -20.47 5.81
N PHE B 110 25.09 -19.46 6.62
CA PHE B 110 24.82 -18.11 6.11
C PHE B 110 26.08 -17.59 5.35
N CYS B 111 27.24 -17.76 5.97
CA CYS B 111 28.52 -17.39 5.37
C CYS B 111 28.75 -18.15 4.07
N GLN B 112 28.47 -19.46 4.08
CA GLN B 112 28.67 -20.28 2.89
C GLN B 112 27.81 -19.84 1.74
N LEU B 113 26.55 -19.48 2.00
CA LEU B 113 25.64 -19.09 0.92
C LEU B 113 25.94 -17.70 0.43
N SER B 114 26.27 -16.78 1.34
CA SER B 114 26.62 -15.41 0.94
C SER B 114 27.90 -15.46 0.07
N THR B 115 28.90 -16.24 0.50
CA THR B 115 30.15 -16.37 -0.25
C THR B 115 29.93 -17.14 -1.55
N GLY B 116 29.17 -18.22 -1.49
CA GLY B 116 28.92 -19.04 -2.68
C GLY B 116 28.38 -18.27 -3.85
N GLY B 117 27.47 -17.33 -3.59
CA GLY B 117 26.92 -16.53 -4.67
C GLY B 117 27.97 -15.63 -5.31
N SER B 118 28.86 -15.06 -4.48
CA SER B 118 29.87 -14.14 -5.03
C SER B 118 30.91 -14.87 -5.85
N VAL B 119 31.43 -16.00 -5.31
CA VAL B 119 32.44 -16.77 -6.03
CA VAL B 119 32.46 -16.73 -6.06
C VAL B 119 31.83 -17.41 -7.28
N ALA B 120 30.57 -17.93 -7.20
CA ALA B 120 29.97 -18.54 -8.39
C ALA B 120 29.75 -17.49 -9.50
N GLY B 121 29.38 -16.26 -9.10
CA GLY B 121 29.21 -15.18 -10.04
C GLY B 121 30.53 -14.82 -10.72
N ALA B 122 31.61 -14.78 -9.93
CA ALA B 122 32.95 -14.49 -10.45
C ALA B 122 33.35 -15.58 -11.47
N VAL B 123 33.07 -16.87 -11.18
CA VAL B 123 33.39 -17.96 -12.12
C VAL B 123 32.60 -17.79 -13.40
N LYS B 124 31.30 -17.44 -13.31
CA LYS B 124 30.48 -17.23 -14.52
C LYS B 124 31.05 -16.11 -15.38
N LEU B 125 31.56 -15.04 -14.74
CA LEU B 125 32.15 -13.93 -15.48
C LEU B 125 33.45 -14.39 -16.14
N ASN B 126 34.28 -15.16 -15.41
CA ASN B 126 35.56 -15.66 -15.93
C ASN B 126 35.34 -16.55 -17.15
N ARG B 127 34.30 -17.37 -17.10
CA ARG B 127 33.98 -18.27 -18.21
C ARG B 127 33.26 -17.58 -19.36
N GLN B 128 33.04 -16.27 -19.27
CA GLN B 128 32.33 -15.50 -20.30
C GLN B 128 30.94 -16.05 -20.56
N GLN B 129 30.30 -16.56 -19.51
CA GLN B 129 28.94 -17.10 -19.59
C GLN B 129 27.87 -16.07 -19.25
N THR B 130 28.29 -14.87 -18.79
CA THR B 130 27.41 -13.76 -18.46
C THR B 130 28.23 -12.47 -18.52
N ASP B 131 27.54 -11.37 -18.71
CA ASP B 131 28.14 -10.05 -18.72
C ASP B 131 28.04 -9.43 -17.29
N MET B 132 26.99 -9.80 -16.53
CA MET B 132 26.80 -9.28 -15.17
C MET B 132 26.35 -10.41 -14.28
N ALA B 133 26.86 -10.45 -13.06
CA ALA B 133 26.42 -11.43 -12.08
C ALA B 133 26.01 -10.62 -10.84
N VAL B 134 24.91 -11.02 -10.21
CA VAL B 134 24.37 -10.31 -9.05
C VAL B 134 24.25 -11.23 -7.86
N ASN B 135 24.71 -10.77 -6.70
CA ASN B 135 24.54 -11.54 -5.47
C ASN B 135 24.20 -10.56 -4.34
N TRP B 136 22.89 -10.32 -4.09
CA TRP B 136 22.52 -9.36 -3.05
C TRP B 136 22.85 -9.85 -1.66
N ALA B 137 23.12 -11.16 -1.46
CA ALA B 137 23.53 -11.67 -0.14
C ALA B 137 25.00 -11.43 0.16
N GLY B 138 25.78 -10.98 -0.82
CA GLY B 138 27.21 -10.72 -0.65
C GLY B 138 27.49 -9.25 -0.35
N GLY B 139 28.74 -8.85 -0.53
CA GLY B 139 29.17 -7.47 -0.27
C GLY B 139 29.58 -7.23 1.17
N LEU B 140 29.99 -8.29 1.88
CA LEU B 140 30.33 -8.17 3.32
C LEU B 140 31.78 -7.71 3.50
N HIS B 141 31.97 -6.42 3.16
CA HIS B 141 33.27 -5.78 3.00
C HIS B 141 34.16 -5.57 4.21
N HIS B 142 33.68 -5.77 5.44
CA HIS B 142 34.55 -5.52 6.61
C HIS B 142 35.32 -6.73 7.08
N ALA B 143 34.93 -7.96 6.67
CA ALA B 143 35.62 -9.13 7.20
C ALA B 143 37.09 -9.14 6.87
N LYS B 144 37.90 -9.51 7.87
CA LYS B 144 39.34 -9.52 7.76
C LYS B 144 39.89 -10.95 7.61
N LYS B 145 41.18 -11.10 7.27
CA LYS B 145 41.78 -12.41 7.11
C LYS B 145 41.51 -13.36 8.27
N SER B 146 41.66 -12.88 9.52
CA SER B 146 41.46 -13.72 10.68
CA SER B 146 41.42 -13.74 10.66
C SER B 146 40.54 -13.11 11.74
N GLU B 147 39.54 -12.31 11.33
CA GLU B 147 38.63 -11.74 12.30
C GLU B 147 37.36 -11.18 11.66
N ALA B 148 36.27 -11.33 12.37
CA ALA B 148 34.99 -10.80 11.91
C ALA B 148 34.96 -9.30 12.22
N SER B 149 34.12 -8.55 11.51
CA SER B 149 33.98 -7.12 11.81
C SER B 149 32.77 -6.57 11.16
N GLY B 150 32.12 -5.62 11.83
CA GLY B 150 31.00 -4.88 11.27
C GLY B 150 29.93 -5.70 10.57
N PHE B 151 29.42 -6.72 11.26
CA PHE B 151 28.34 -7.61 10.75
C PHE B 151 28.83 -8.60 9.67
N CYS B 152 30.13 -8.58 9.33
CA CYS B 152 30.74 -9.42 8.28
C CYS B 152 31.63 -10.49 8.86
N TYR B 153 31.50 -11.73 8.39
CA TYR B 153 32.35 -12.81 8.93
C TYR B 153 33.31 -13.32 7.89
N VAL B 154 32.84 -13.56 6.66
CA VAL B 154 33.69 -14.05 5.58
C VAL B 154 33.62 -12.98 4.48
N ASN B 155 34.79 -12.56 3.99
CA ASN B 155 34.83 -11.50 3.00
C ASN B 155 34.61 -12.10 1.63
N ASP B 156 33.34 -12.23 1.26
CA ASP B 156 32.98 -12.80 -0.04
C ASP B 156 33.53 -11.96 -1.19
N ILE B 157 33.72 -10.64 -0.96
CA ILE B 157 34.23 -9.76 -2.01
C ILE B 157 35.66 -10.12 -2.33
N VAL B 158 36.51 -10.25 -1.30
CA VAL B 158 37.92 -10.58 -1.51
C VAL B 158 38.03 -11.94 -2.21
N LEU B 159 37.21 -12.91 -1.80
CA LEU B 159 37.24 -14.24 -2.44
C LEU B 159 36.81 -14.15 -3.90
N ALA B 160 35.79 -13.34 -4.21
CA ALA B 160 35.35 -13.16 -5.60
C ALA B 160 36.43 -12.46 -6.42
N ILE B 161 37.11 -11.47 -5.83
CA ILE B 161 38.18 -10.77 -6.55
C ILE B 161 39.34 -11.70 -6.81
N LEU B 162 39.72 -12.56 -5.84
CA LEU B 162 40.80 -13.54 -6.06
C LEU B 162 40.41 -14.47 -7.24
N GLU B 163 39.12 -14.84 -7.33
CA GLU B 163 38.65 -15.68 -8.43
CA GLU B 163 38.64 -15.68 -8.42
C GLU B 163 38.80 -14.91 -9.74
N LEU B 164 38.35 -13.64 -9.79
CA LEU B 164 38.49 -12.84 -11.01
C LEU B 164 39.96 -12.68 -11.41
N LEU B 165 40.88 -12.57 -10.43
CA LEU B 165 42.32 -12.38 -10.70
C LEU B 165 42.93 -13.61 -11.41
N LYS B 166 42.22 -14.76 -11.43
CA LYS B 166 42.75 -15.92 -12.18
C LYS B 166 42.72 -15.62 -13.69
N TYR B 167 41.76 -14.80 -14.15
CA TYR B 167 41.59 -14.50 -15.56
C TYR B 167 41.84 -13.04 -15.94
N HIS B 168 41.86 -12.14 -14.94
CA HIS B 168 41.98 -10.68 -15.16
C HIS B 168 43.20 -10.09 -14.54
N GLN B 169 44.07 -9.43 -15.36
CA GLN B 169 45.28 -8.84 -14.83
C GLN B 169 44.96 -7.73 -13.83
N ARG B 170 43.97 -6.91 -14.16
CA ARG B 170 43.56 -5.77 -13.32
C ARG B 170 42.06 -5.79 -13.04
N VAL B 171 41.70 -5.73 -11.76
CA VAL B 171 40.31 -5.73 -11.33
C VAL B 171 40.02 -4.46 -10.57
N LEU B 172 38.89 -3.79 -10.89
CA LEU B 172 38.49 -2.58 -10.20
C LEU B 172 37.37 -2.90 -9.21
N TYR B 173 37.51 -2.47 -7.96
CA TYR B 173 36.47 -2.65 -6.94
C TYR B 173 35.92 -1.25 -6.61
N ILE B 174 34.59 -1.07 -6.64
CA ILE B 174 33.97 0.23 -6.32
C ILE B 174 32.96 -0.06 -5.20
N ASP B 175 32.98 0.74 -4.14
CA ASP B 175 32.12 0.51 -2.98
C ASP B 175 31.30 1.76 -2.66
N ILE B 176 29.96 1.67 -2.81
CA ILE B 176 29.08 2.84 -2.55
C ILE B 176 28.26 2.67 -1.25
N ASP B 177 28.66 1.68 -0.40
CA ASP B 177 28.09 1.55 0.94
C ASP B 177 28.49 2.85 1.69
N ILE B 178 27.68 3.29 2.67
CA ILE B 178 28.06 4.51 3.40
C ILE B 178 29.34 4.28 4.24
N HIS B 179 29.68 3.02 4.56
CA HIS B 179 30.86 2.73 5.38
C HIS B 179 32.06 2.38 4.48
N HIS B 180 33.28 2.78 4.91
CA HIS B 180 34.50 2.48 4.18
C HIS B 180 34.67 0.94 3.98
N GLY B 181 35.05 0.52 2.78
CA GLY B 181 35.28 -0.90 2.51
C GLY B 181 36.69 -1.30 2.92
N ASP B 182 36.92 -1.27 4.23
CA ASP B 182 38.23 -1.54 4.80
C ASP B 182 38.76 -2.93 4.61
N GLY B 183 37.92 -3.96 4.73
CA GLY B 183 38.44 -5.32 4.57
C GLY B 183 38.99 -5.56 3.18
N VAL B 184 38.28 -5.04 2.16
CA VAL B 184 38.71 -5.23 0.79
C VAL B 184 39.94 -4.37 0.52
N GLU B 185 39.93 -3.10 0.99
CA GLU B 185 41.08 -2.24 0.79
C GLU B 185 42.36 -2.85 1.43
N GLU B 186 42.23 -3.35 2.65
CA GLU B 186 43.36 -3.96 3.36
C GLU B 186 43.90 -5.19 2.65
N ALA B 187 43.00 -6.06 2.17
CA ALA B 187 43.43 -7.29 1.49
C ALA B 187 44.32 -7.04 0.29
N PHE B 188 44.06 -5.95 -0.45
CA PHE B 188 44.82 -5.65 -1.66
C PHE B 188 45.68 -4.37 -1.57
N TYR B 189 45.93 -3.88 -0.35
CA TYR B 189 46.63 -2.61 -0.15
C TYR B 189 47.99 -2.52 -0.79
N THR B 190 48.70 -3.65 -0.91
CA THR B 190 50.06 -3.61 -1.49
C THR B 190 50.19 -4.18 -2.90
N THR B 191 49.07 -4.30 -3.63
CA THR B 191 49.14 -4.80 -5.00
C THR B 191 48.51 -3.81 -5.94
N ASP B 192 49.03 -3.81 -7.17
CA ASP B 192 48.51 -3.01 -8.25
C ASP B 192 47.52 -3.80 -9.11
N ARG B 193 47.26 -5.09 -8.78
CA ARG B 193 46.33 -5.89 -9.55
C ARG B 193 44.86 -5.66 -9.20
N VAL B 194 44.61 -4.90 -8.13
CA VAL B 194 43.27 -4.51 -7.72
C VAL B 194 43.34 -3.04 -7.38
N MET B 195 42.40 -2.25 -7.91
CA MET B 195 42.30 -0.86 -7.50
C MET B 195 41.01 -0.81 -6.68
N THR B 196 41.07 -0.28 -5.45
CA THR B 196 39.87 -0.17 -4.62
C THR B 196 39.45 1.27 -4.53
N VAL B 197 38.15 1.54 -4.79
CA VAL B 197 37.63 2.91 -4.76
C VAL B 197 36.42 2.93 -3.84
N SER B 198 36.50 3.68 -2.72
CA SER B 198 35.41 3.74 -1.75
C SER B 198 34.92 5.17 -1.56
N PHE B 199 33.60 5.36 -1.60
CA PHE B 199 32.92 6.64 -1.34
C PHE B 199 32.18 6.39 -0.03
N HIS B 200 32.46 7.17 1.03
CA HIS B 200 31.87 6.85 2.33
C HIS B 200 31.88 8.02 3.26
N LYS B 201 31.08 7.93 4.32
CA LYS B 201 31.08 8.96 5.34
CA LYS B 201 31.06 8.95 5.36
C LYS B 201 32.36 8.78 6.14
N TYR B 202 33.04 9.88 6.43
CA TYR B 202 34.29 9.79 7.18
C TYR B 202 34.27 10.87 8.26
N GLY B 203 34.68 10.47 9.47
CA GLY B 203 34.71 11.36 10.62
C GLY B 203 33.73 10.91 11.67
N GLU B 204 34.22 10.42 12.82
CA GLU B 204 33.38 9.89 13.93
C GLU B 204 32.36 8.89 13.40
N TYR B 205 32.86 7.92 12.61
CA TYR B 205 31.96 6.97 11.97
C TYR B 205 32.68 5.67 11.69
N PHE B 206 31.96 4.56 11.89
CA PHE B 206 32.55 3.25 11.67
C PHE B 206 33.00 3.07 10.20
N PRO B 207 34.12 2.37 9.93
CA PRO B 207 35.10 1.78 10.86
C PRO B 207 36.25 2.71 11.27
N GLY B 208 36.21 3.98 10.89
CA GLY B 208 37.26 4.94 11.24
C GLY B 208 38.42 5.02 10.26
N THR B 209 38.34 4.28 9.16
CA THR B 209 39.38 4.25 8.14
C THR B 209 38.89 4.88 6.81
N GLY B 210 39.75 4.94 5.79
CA GLY B 210 39.35 5.52 4.53
C GLY B 210 39.58 7.01 4.44
N ASP B 211 40.70 7.46 5.02
CA ASP B 211 41.07 8.86 4.91
C ASP B 211 41.49 9.12 3.45
N LEU B 212 41.36 10.37 2.99
CA LEU B 212 41.78 10.82 1.66
C LEU B 212 43.28 10.41 1.40
N ARG B 213 44.09 10.45 2.45
CA ARG B 213 45.52 10.16 2.38
C ARG B 213 45.90 8.69 2.38
N ASP B 214 44.88 7.80 2.49
CA ASP B 214 45.17 6.36 2.46
C ASP B 214 45.11 5.99 0.99
N ILE B 215 46.27 5.92 0.35
CA ILE B 215 46.34 5.69 -1.10
C ILE B 215 47.03 4.38 -1.49
N GLY B 216 47.37 3.53 -0.53
CA GLY B 216 48.05 2.28 -0.84
C GLY B 216 49.51 2.32 -0.41
N ALA B 217 50.17 1.18 -0.44
CA ALA B 217 51.58 1.10 -0.05
C ALA B 217 52.36 0.14 -0.96
N GLY B 218 53.68 0.33 -1.05
CA GLY B 218 54.51 -0.52 -1.90
C GLY B 218 54.08 -0.46 -3.36
N LYS B 219 53.99 -1.62 -4.01
CA LYS B 219 53.52 -1.68 -5.41
C LYS B 219 52.03 -1.19 -5.52
N GLY B 220 51.31 -1.19 -4.41
CA GLY B 220 49.93 -0.73 -4.36
C GLY B 220 49.78 0.77 -4.20
N LYS B 221 50.91 1.54 -4.09
CA LYS B 221 50.80 3.01 -3.95
C LYS B 221 50.05 3.60 -5.15
N TYR B 222 48.96 4.37 -4.87
CA TYR B 222 48.08 5.00 -5.85
C TYR B 222 46.93 4.05 -6.32
N TYR B 223 46.89 2.82 -5.81
CA TYR B 223 45.85 1.85 -6.19
C TYR B 223 44.74 1.70 -5.16
N ALA B 224 44.66 2.62 -4.20
CA ALA B 224 43.57 2.68 -3.21
C ALA B 224 43.12 4.12 -3.28
N VAL B 225 41.80 4.33 -3.49
CA VAL B 225 41.21 5.65 -3.63
C VAL B 225 40.08 5.73 -2.62
N ASN B 226 40.08 6.80 -1.82
CA ASN B 226 39.06 7.03 -0.82
C ASN B 226 38.48 8.42 -0.95
N PHE B 227 37.15 8.53 -1.06
CA PHE B 227 36.48 9.83 -1.14
C PHE B 227 35.68 9.99 0.14
N PRO B 228 36.24 10.69 1.13
CA PRO B 228 35.52 10.89 2.40
C PRO B 228 34.47 11.96 2.29
N MET B 229 33.28 11.67 2.81
N MET B 229 33.26 11.65 2.79
CA MET B 229 32.19 12.61 2.77
CA MET B 229 32.11 12.52 2.72
C MET B 229 31.61 12.92 4.12
C MET B 229 31.51 12.84 4.08
N ARG B 230 30.78 13.96 4.16
CA ARG B 230 30.10 14.38 5.37
C ARG B 230 28.60 14.01 5.21
N ASP B 231 27.83 14.21 6.26
CA ASP B 231 26.40 13.93 6.22
C ASP B 231 25.67 14.68 5.13
N GLY B 232 24.56 14.10 4.70
CA GLY B 232 23.65 14.79 3.82
C GLY B 232 23.90 14.87 2.34
N ILE B 233 24.89 14.11 1.80
N ILE B 233 24.89 14.11 1.80
CA ILE B 233 25.13 14.15 0.36
CA ILE B 233 25.13 14.15 0.36
C ILE B 233 23.85 13.74 -0.40
C ILE B 233 23.86 13.73 -0.40
N ASP B 234 23.54 14.43 -1.49
CA ASP B 234 22.34 14.16 -2.24
C ASP B 234 22.65 13.63 -3.64
N ASP B 235 21.61 13.33 -4.42
CA ASP B 235 21.80 12.76 -5.74
C ASP B 235 22.67 13.60 -6.65
N GLU B 236 22.39 14.89 -6.70
CA GLU B 236 23.11 15.78 -7.60
C GLU B 236 24.58 15.85 -7.25
N SER B 237 24.90 16.06 -5.95
CA SER B 237 26.28 16.16 -5.51
CA SER B 237 26.29 16.17 -5.56
C SER B 237 27.05 14.85 -5.69
N TYR B 238 26.41 13.73 -5.31
CA TYR B 238 27.07 12.43 -5.43
C TYR B 238 27.36 12.11 -6.89
N GLY B 239 26.37 12.34 -7.74
CA GLY B 239 26.47 12.02 -9.16
C GLY B 239 27.57 12.81 -9.85
N GLN B 240 27.71 14.08 -9.45
CA GLN B 240 28.71 14.98 -10.01
C GLN B 240 30.12 14.57 -9.72
N ILE B 241 30.38 13.83 -8.63
CA ILE B 241 31.74 13.36 -8.36
C ILE B 241 31.94 11.90 -8.76
N PHE B 242 30.88 11.06 -8.69
CA PHE B 242 31.05 9.64 -9.02
C PHE B 242 31.43 9.43 -10.48
N LYS B 243 30.68 10.04 -11.41
CA LYS B 243 30.97 9.84 -12.83
C LYS B 243 32.38 10.31 -13.22
N PRO B 244 32.83 11.53 -12.84
CA PRO B 244 34.20 11.95 -13.21
C PRO B 244 35.29 11.09 -12.59
N ILE B 245 35.11 10.70 -11.33
CA ILE B 245 36.13 9.88 -10.66
C ILE B 245 36.23 8.50 -11.29
N ILE B 246 35.08 7.83 -11.47
CA ILE B 246 35.12 6.50 -12.09
C ILE B 246 35.62 6.59 -13.55
N SER B 247 35.26 7.64 -14.29
CA SER B 247 35.74 7.77 -15.68
C SER B 247 37.26 7.92 -15.71
N LYS B 248 37.84 8.69 -14.77
CA LYS B 248 39.30 8.89 -14.70
C LYS B 248 39.97 7.58 -14.31
N VAL B 249 39.38 6.86 -13.33
CA VAL B 249 39.90 5.56 -12.89
C VAL B 249 39.91 4.59 -14.06
N MET B 250 38.82 4.53 -14.83
CA MET B 250 38.74 3.63 -15.99
C MET B 250 39.82 3.99 -17.02
N GLU B 251 39.97 5.29 -17.31
CA GLU B 251 40.99 5.76 -18.26
C GLU B 251 42.42 5.40 -17.82
N MET B 252 42.77 5.64 -16.56
CA MET B 252 44.13 5.39 -16.09
C MET B 252 44.44 3.94 -15.79
N TYR B 253 43.50 3.24 -15.15
CA TYR B 253 43.73 1.88 -14.71
C TYR B 253 43.38 0.81 -15.73
N GLN B 254 42.44 1.07 -16.64
CA GLN B 254 41.99 0.13 -17.67
C GLN B 254 41.76 -1.30 -17.14
N PRO B 255 40.88 -1.42 -16.15
CA PRO B 255 40.61 -2.78 -15.59
C PRO B 255 39.88 -3.66 -16.60
N SER B 256 39.99 -5.00 -16.47
CA SER B 256 39.24 -5.86 -17.39
C SER B 256 37.98 -6.48 -16.74
N ALA B 257 37.78 -6.24 -15.44
CA ALA B 257 36.58 -6.70 -14.72
C ALA B 257 36.32 -5.73 -13.56
N VAL B 258 35.06 -5.65 -13.15
CA VAL B 258 34.67 -4.71 -12.10
C VAL B 258 33.78 -5.38 -11.08
N VAL B 259 34.00 -5.06 -9.79
CA VAL B 259 33.14 -5.54 -8.73
C VAL B 259 32.55 -4.28 -8.09
N LEU B 260 31.21 -4.21 -7.98
CA LEU B 260 30.55 -3.02 -7.43
C LEU B 260 29.74 -3.43 -6.20
N GLN B 261 30.14 -2.93 -5.01
CA GLN B 261 29.43 -3.21 -3.77
C GLN B 261 28.35 -2.12 -3.69
N CYS B 262 27.08 -2.54 -3.61
CA CYS B 262 25.92 -1.66 -3.66
C CYS B 262 25.24 -1.47 -2.34
N GLY B 263 26.00 -1.38 -1.23
CA GLY B 263 25.39 -1.18 0.10
C GLY B 263 24.36 -0.05 0.08
N ALA B 264 23.14 -0.36 0.52
CA ALA B 264 22.02 0.57 0.45
C ALA B 264 21.87 1.49 1.67
N ASP B 265 22.84 1.44 2.58
CA ASP B 265 22.80 2.32 3.73
C ASP B 265 23.21 3.76 3.40
N SER B 266 23.56 4.02 2.12
CA SER B 266 23.85 5.38 1.65
C SER B 266 22.52 6.07 1.19
N LEU B 267 21.35 5.41 1.37
CA LEU B 267 20.07 5.98 0.99
C LEU B 267 19.53 6.85 2.09
N SER B 268 18.76 7.86 1.69
CA SER B 268 18.05 8.75 2.60
C SER B 268 17.16 7.90 3.53
N GLY B 269 17.12 8.24 4.80
CA GLY B 269 16.26 7.54 5.76
C GLY B 269 16.79 6.22 6.28
N ASP B 270 18.06 5.89 5.98
CA ASP B 270 18.61 4.64 6.48
C ASP B 270 18.73 4.68 8.00
N ARG B 271 18.43 3.57 8.68
CA ARG B 271 18.51 3.53 10.14
C ARG B 271 19.88 3.85 10.73
N LEU B 272 20.95 3.50 10.02
N LEU B 272 20.95 3.47 10.01
CA LEU B 272 22.29 3.79 10.50
CA LEU B 272 22.35 3.66 10.45
C LEU B 272 22.91 4.95 9.76
C LEU B 272 23.10 4.75 9.67
N GLY B 273 22.67 5.01 8.45
CA GLY B 273 23.27 6.00 7.58
C GLY B 273 22.80 7.43 7.73
N CYS B 274 23.62 8.35 7.25
CA CYS B 274 23.40 9.77 7.32
C CYS B 274 23.52 10.47 5.98
N PHE B 275 23.31 9.76 4.87
CA PHE B 275 23.31 10.34 3.52
C PHE B 275 21.87 10.64 3.09
N ASN B 276 21.70 11.26 1.92
CA ASN B 276 20.39 11.67 1.43
C ASN B 276 20.16 11.29 -0.01
N LEU B 277 20.66 10.11 -0.43
CA LEU B 277 20.44 9.67 -1.81
C LEU B 277 19.07 9.03 -1.97
N THR B 278 18.51 9.12 -3.18
CA THR B 278 17.28 8.40 -3.48
C THR B 278 17.73 7.06 -4.14
N VAL B 279 16.76 6.17 -4.45
CA VAL B 279 17.06 4.93 -5.16
C VAL B 279 17.60 5.28 -6.57
N LYS B 280 17.02 6.32 -7.24
CA LYS B 280 17.55 6.74 -8.53
C LYS B 280 19.00 7.24 -8.45
N GLY B 281 19.33 7.99 -7.40
CA GLY B 281 20.69 8.49 -7.24
C GLY B 281 21.71 7.39 -6.96
N HIS B 282 21.29 6.39 -6.19
CA HIS B 282 22.16 5.26 -5.86
C HIS B 282 22.33 4.43 -7.14
N ALA B 283 21.22 4.14 -7.85
CA ALA B 283 21.23 3.34 -9.08
C ALA B 283 21.98 3.98 -10.23
N LYS B 284 22.12 5.34 -10.22
CA LYS B 284 22.89 6.01 -11.27
C LYS B 284 24.34 5.46 -11.25
N CYS B 285 24.85 5.01 -10.09
CA CYS B 285 26.18 4.44 -10.00
C CYS B 285 26.28 3.17 -10.83
N VAL B 286 25.24 2.32 -10.78
CA VAL B 286 25.22 1.08 -11.57
C VAL B 286 25.19 1.46 -13.05
N GLU B 287 24.33 2.44 -13.41
CA GLU B 287 24.22 2.90 -14.79
CA GLU B 287 24.22 2.90 -14.79
C GLU B 287 25.58 3.38 -15.32
N VAL B 288 26.29 4.21 -14.53
CA VAL B 288 27.61 4.71 -14.94
C VAL B 288 28.61 3.59 -15.16
N VAL B 289 28.71 2.65 -14.21
CA VAL B 289 29.65 1.54 -14.32
C VAL B 289 29.33 0.68 -15.55
N LYS B 290 28.04 0.47 -15.85
CA LYS B 290 27.65 -0.33 -17.02
C LYS B 290 28.09 0.28 -18.35
N THR B 291 28.22 1.62 -18.42
CA THR B 291 28.64 2.24 -19.69
C THR B 291 30.00 1.78 -20.16
N PHE B 292 30.86 1.27 -19.25
CA PHE B 292 32.20 0.84 -19.64
C PHE B 292 32.24 -0.57 -20.28
N ASN B 293 31.09 -1.28 -20.32
CA ASN B 293 30.97 -2.58 -20.97
C ASN B 293 32.02 -3.59 -20.52
N LEU B 294 32.24 -3.66 -19.21
CA LEU B 294 33.19 -4.62 -18.66
C LEU B 294 32.43 -5.66 -17.84
N PRO B 295 32.96 -6.89 -17.74
CA PRO B 295 32.33 -7.92 -16.87
C PRO B 295 32.14 -7.33 -15.48
N LEU B 296 30.91 -7.43 -14.95
CA LEU B 296 30.59 -6.77 -13.70
C LEU B 296 29.92 -7.69 -12.69
N LEU B 297 30.43 -7.71 -11.45
CA LEU B 297 29.83 -8.49 -10.37
C LEU B 297 29.21 -7.43 -9.42
N MET B 298 27.88 -7.47 -9.24
CA MET B 298 27.14 -6.51 -8.39
C MET B 298 26.80 -7.22 -7.09
N LEU B 299 27.20 -6.64 -5.95
CA LEU B 299 26.97 -7.29 -4.67
C LEU B 299 26.17 -6.39 -3.75
N GLY B 300 25.60 -6.97 -2.70
CA GLY B 300 24.90 -6.18 -1.69
C GLY B 300 25.83 -5.54 -0.68
N GLY B 301 25.40 -5.49 0.57
CA GLY B 301 26.22 -4.89 1.63
C GLY B 301 25.28 -4.38 2.71
N GLY B 302 25.53 -3.18 3.22
CA GLY B 302 24.68 -2.60 4.23
C GLY B 302 23.31 -2.19 3.73
N GLY B 303 22.50 -1.64 4.63
CA GLY B 303 21.13 -1.24 4.30
C GLY B 303 20.28 -1.73 5.45
N TYR B 304 19.76 -0.77 6.22
CA TYR B 304 19.11 -1.08 7.50
C TYR B 304 17.66 -0.59 7.63
N THR B 305 17.09 0.07 6.60
CA THR B 305 15.64 0.42 6.53
C THR B 305 15.21 -0.55 5.43
N ILE B 306 14.78 -1.74 5.84
CA ILE B 306 14.64 -2.84 4.91
C ILE B 306 13.67 -2.60 3.76
N ARG B 307 12.55 -1.84 3.93
CA ARG B 307 11.71 -1.59 2.73
C ARG B 307 12.51 -0.84 1.66
N ASN B 308 13.42 0.08 2.07
CA ASN B 308 14.21 0.86 1.10
C ASN B 308 15.31 0.03 0.49
N VAL B 309 15.84 -0.96 1.23
CA VAL B 309 16.86 -1.86 0.67
C VAL B 309 16.22 -2.68 -0.45
N ALA B 310 14.99 -3.20 -0.20
CA ALA B 310 14.31 -4.00 -1.23
C ALA B 310 14.02 -3.17 -2.44
N ARG B 311 13.62 -1.89 -2.25
CA ARG B 311 13.36 -1.02 -3.40
C ARG B 311 14.64 -0.81 -4.19
N CYS B 312 15.72 -0.50 -3.49
CA CYS B 312 16.99 -0.17 -4.10
C CYS B 312 17.54 -1.32 -4.95
N TRP B 313 17.60 -2.51 -4.36
CA TRP B 313 18.17 -3.66 -5.07
C TRP B 313 17.25 -4.18 -6.16
N THR B 314 15.92 -4.02 -5.99
CA THR B 314 14.99 -4.37 -7.07
C THR B 314 15.25 -3.43 -8.26
N TYR B 315 15.34 -2.11 -7.99
CA TYR B 315 15.56 -1.16 -9.09
C TYR B 315 16.91 -1.40 -9.75
N GLU B 316 17.96 -1.67 -8.97
CA GLU B 316 19.30 -1.93 -9.53
C GLU B 316 19.35 -3.21 -10.35
N THR B 317 18.51 -4.21 -10.01
CA THR B 317 18.46 -5.42 -10.82
C THR B 317 17.79 -5.06 -12.16
N ALA B 318 16.74 -4.22 -12.13
CA ALA B 318 16.08 -3.75 -13.36
C ALA B 318 17.09 -2.96 -14.20
N VAL B 319 17.93 -2.12 -13.57
CA VAL B 319 18.97 -1.36 -14.31
C VAL B 319 19.94 -2.34 -14.99
N ALA B 320 20.38 -3.38 -14.26
CA ALA B 320 21.29 -4.39 -14.84
C ALA B 320 20.66 -5.04 -16.08
N LEU B 321 19.35 -5.28 -16.03
CA LEU B 321 18.58 -5.89 -17.12
C LEU B 321 18.19 -4.93 -18.21
N ASP B 322 18.46 -3.63 -18.04
CA ASP B 322 18.12 -2.59 -18.99
C ASP B 322 16.62 -2.53 -19.22
N CYS B 323 15.87 -2.60 -18.11
CA CYS B 323 14.41 -2.61 -18.08
CA CYS B 323 14.44 -2.45 -18.22
C CYS B 323 13.93 -1.51 -17.18
N GLU B 324 12.87 -0.79 -17.55
CA GLU B 324 12.30 0.16 -16.61
C GLU B 324 11.12 -0.59 -15.99
N ILE B 325 10.79 -0.21 -14.77
CA ILE B 325 9.69 -0.81 -14.04
C ILE B 325 8.85 0.32 -13.48
N PRO B 326 7.54 0.10 -13.33
CA PRO B 326 6.68 1.18 -12.82
C PRO B 326 6.95 1.55 -11.38
N ASN B 327 6.64 2.80 -11.04
CA ASN B 327 6.79 3.26 -9.67
C ASN B 327 5.72 2.58 -8.78
N GLU B 328 4.56 2.22 -9.34
CA GLU B 328 3.52 1.54 -8.61
C GLU B 328 4.01 0.14 -8.24
N LEU B 329 4.17 -0.15 -6.93
CA LEU B 329 4.64 -1.50 -6.57
C LEU B 329 3.60 -2.54 -6.90
N PRO B 330 4.03 -3.70 -7.40
CA PRO B 330 3.08 -4.79 -7.62
C PRO B 330 2.77 -5.41 -6.26
N TYR B 331 1.61 -6.10 -6.17
CA TYR B 331 1.29 -6.81 -4.92
C TYR B 331 2.40 -7.89 -4.71
N ASN B 332 2.78 -8.11 -3.45
CA ASN B 332 3.82 -9.06 -3.12
C ASN B 332 3.65 -9.54 -1.67
N ASP B 333 4.45 -10.56 -1.28
CA ASP B 333 4.35 -11.15 0.05
C ASP B 333 4.55 -10.19 1.19
N TYR B 334 5.22 -9.07 0.95
CA TYR B 334 5.53 -8.10 2.00
C TYR B 334 4.93 -6.73 1.67
N PHE B 335 3.80 -6.70 0.96
CA PHE B 335 3.22 -5.44 0.49
C PHE B 335 3.05 -4.40 1.57
N GLU B 336 2.56 -4.82 2.74
CA GLU B 336 2.34 -3.90 3.86
C GLU B 336 3.60 -3.23 4.39
N TYR B 337 4.79 -3.78 4.07
CA TYR B 337 6.02 -3.16 4.54
C TYR B 337 6.31 -1.86 3.76
N PHE B 338 5.69 -1.68 2.58
CA PHE B 338 5.98 -0.54 1.72
C PHE B 338 5.03 0.63 1.85
N GLY B 339 4.17 0.62 2.88
CA GLY B 339 3.32 1.76 3.14
C GLY B 339 4.18 2.92 3.65
N PRO B 340 3.62 4.15 3.70
CA PRO B 340 2.22 4.49 3.38
C PRO B 340 1.89 4.67 1.89
N ASP B 341 2.93 4.78 1.06
CA ASP B 341 2.81 5.09 -0.35
C ASP B 341 2.78 3.93 -1.34
N PHE B 342 3.41 2.79 -0.99
CA PHE B 342 3.46 1.63 -1.90
C PHE B 342 4.08 1.95 -3.26
N LYS B 343 5.07 2.86 -3.27
CA LYS B 343 5.82 3.22 -4.48
C LYS B 343 7.23 2.64 -4.41
N LEU B 344 7.87 2.49 -5.56
CA LEU B 344 9.22 1.97 -5.61
C LEU B 344 10.22 3.05 -5.22
N HIS B 345 10.04 4.27 -5.77
CA HIS B 345 10.99 5.36 -5.57
C HIS B 345 10.76 6.15 -4.30
N ILE B 346 11.87 6.67 -3.72
CA ILE B 346 11.79 7.41 -2.48
C ILE B 346 12.19 8.87 -2.68
N SER B 347 11.74 9.73 -1.78
CA SER B 347 12.06 11.14 -1.84
C SER B 347 13.17 11.45 -0.87
N PRO B 348 13.99 12.44 -1.20
CA PRO B 348 15.03 12.85 -0.24
C PRO B 348 14.40 13.62 0.91
N SER B 349 15.11 13.71 2.03
CA SER B 349 14.64 14.46 3.18
C SER B 349 15.13 15.92 3.07
N ASN B 350 14.79 16.74 4.08
CA ASN B 350 15.23 18.12 4.11
C ASN B 350 16.58 18.27 4.85
N MET B 351 17.30 17.17 5.11
CA MET B 351 18.58 17.28 5.83
C MET B 351 19.60 18.15 5.06
N THR B 352 20.42 18.89 5.81
CA THR B 352 21.42 19.74 5.21
C THR B 352 22.51 18.88 4.57
N ASN B 353 22.93 19.26 3.37
CA ASN B 353 24.04 18.59 2.72
C ASN B 353 25.30 19.31 3.24
N GLN B 354 26.05 18.67 4.13
CA GLN B 354 27.25 19.31 4.69
C GLN B 354 28.47 19.30 3.73
N ASN B 355 28.35 18.61 2.59
CA ASN B 355 29.40 18.55 1.58
C ASN B 355 29.20 19.77 0.71
N THR B 356 29.91 20.86 1.03
CA THR B 356 29.79 22.07 0.22
C THR B 356 30.33 21.81 -1.19
N PRO B 357 29.89 22.61 -2.19
CA PRO B 357 30.42 22.42 -3.53
C PRO B 357 31.94 22.57 -3.60
N GLU B 358 32.52 23.48 -2.77
CA GLU B 358 33.97 23.68 -2.75
C GLU B 358 34.68 22.49 -2.12
N TYR B 359 34.07 21.91 -1.06
CA TYR B 359 34.62 20.71 -0.41
C TYR B 359 34.67 19.57 -1.45
N MET B 360 33.58 19.36 -2.21
CA MET B 360 33.54 18.27 -3.19
C MET B 360 34.57 18.46 -4.28
N GLU B 361 34.69 19.70 -4.80
CA GLU B 361 35.65 19.96 -5.87
C GLU B 361 37.08 19.85 -5.40
N LYS B 362 37.35 20.28 -4.15
CA LYS B 362 38.72 20.22 -3.63
C LYS B 362 39.17 18.75 -3.44
N ILE B 363 38.27 17.91 -2.89
CA ILE B 363 38.60 16.49 -2.71
C ILE B 363 38.77 15.82 -4.08
N LYS B 364 37.87 16.10 -5.02
CA LYS B 364 37.97 15.55 -6.37
C LYS B 364 39.32 15.93 -7.03
N GLN B 365 39.75 17.19 -6.83
CA GLN B 365 41.01 17.63 -7.41
C GLN B 365 42.18 16.89 -6.78
N ARG B 366 42.16 16.68 -5.45
CA ARG B 366 43.23 15.95 -4.78
C ARG B 366 43.27 14.49 -5.30
N LEU B 367 42.10 13.84 -5.49
CA LEU B 367 42.07 12.48 -6.03
C LEU B 367 42.55 12.43 -7.46
N PHE B 368 42.22 13.45 -8.26
CA PHE B 368 42.68 13.50 -9.66
C PHE B 368 44.21 13.60 -9.71
N GLU B 369 44.83 14.29 -8.73
CA GLU B 369 46.28 14.40 -8.67
C GLU B 369 46.89 13.02 -8.42
N ASN B 370 46.27 12.21 -7.54
CA ASN B 370 46.75 10.87 -7.24
C ASN B 370 46.56 9.96 -8.45
N LEU B 371 45.44 10.09 -9.15
CA LEU B 371 45.16 9.27 -10.33
C LEU B 371 46.13 9.56 -11.45
N ARG B 372 46.57 10.81 -11.59
CA ARG B 372 47.56 11.17 -12.60
C ARG B 372 48.93 10.54 -12.34
N MET B 373 49.18 10.06 -11.11
CA MET B 373 50.42 9.39 -10.73
C MET B 373 50.46 7.91 -11.14
N LEU B 374 49.38 7.36 -11.71
CA LEU B 374 49.35 5.97 -12.15
C LEU B 374 50.17 5.83 -13.45
N PRO B 375 50.83 4.68 -13.67
CA PRO B 375 51.62 4.50 -14.90
C PRO B 375 50.76 4.37 -16.15
N LYS C 9 5.68 43.74 3.28
CA LYS C 9 6.23 42.81 4.26
C LYS C 9 6.05 41.33 3.83
N LYS C 10 4.79 40.84 3.69
CA LYS C 10 4.58 39.45 3.30
C LYS C 10 4.69 39.31 1.79
N LYS C 11 5.61 38.47 1.34
CA LYS C 11 5.85 38.26 -0.07
C LYS C 11 4.85 37.30 -0.69
N VAL C 12 4.40 37.61 -1.91
CA VAL C 12 3.44 36.81 -2.65
C VAL C 12 3.99 36.41 -4.01
N CYS C 13 4.06 35.10 -4.28
CA CYS C 13 4.51 34.54 -5.56
C CYS C 13 3.27 34.05 -6.30
N TYR C 14 3.21 34.27 -7.61
CA TYR C 14 2.03 33.96 -8.41
C TYR C 14 2.39 33.13 -9.63
N TYR C 15 1.70 32.00 -9.83
CA TYR C 15 1.99 31.09 -10.93
C TYR C 15 0.94 31.15 -11.99
N TYR C 16 1.37 31.37 -13.23
CA TYR C 16 0.45 31.51 -14.34
C TYR C 16 1.13 31.23 -15.65
N ASP C 17 0.47 30.48 -16.53
CA ASP C 17 0.99 30.23 -17.86
C ASP C 17 -0.06 30.79 -18.80
N GLY C 18 0.37 31.71 -19.68
CA GLY C 18 -0.50 32.37 -20.64
C GLY C 18 -1.31 31.51 -21.58
N ASP C 19 -0.99 30.20 -21.68
CA ASP C 19 -1.76 29.29 -22.55
C ASP C 19 -2.92 28.58 -21.79
N ILE C 20 -2.94 28.66 -20.44
CA ILE C 20 -3.95 27.97 -19.63
C ILE C 20 -5.39 28.26 -20.05
N GLY C 21 -5.68 29.53 -20.38
CA GLY C 21 -7.03 29.91 -20.78
C GLY C 21 -7.50 29.36 -22.11
N ASN C 22 -6.58 28.76 -22.90
CA ASN C 22 -6.95 28.21 -24.20
C ASN C 22 -7.45 26.76 -24.14
N TYR C 23 -7.26 26.05 -23.01
CA TYR C 23 -7.74 24.67 -22.92
C TYR C 23 -9.27 24.69 -22.86
N TYR C 24 -9.89 23.80 -23.61
CA TYR C 24 -11.33 23.77 -23.73
C TYR C 24 -11.91 22.40 -23.43
N TYR C 25 -12.74 22.30 -22.38
CA TYR C 25 -13.33 21.00 -22.02
C TYR C 25 -14.38 20.49 -23.03
N GLY C 26 -14.89 21.36 -23.89
CA GLY C 26 -15.91 20.95 -24.85
C GLY C 26 -17.25 21.65 -24.68
N GLN C 27 -18.06 21.65 -25.73
CA GLN C 27 -19.37 22.30 -25.68
C GLN C 27 -20.28 21.74 -24.59
N GLY C 28 -20.90 22.66 -23.86
CA GLY C 28 -21.80 22.29 -22.79
C GLY C 28 -21.12 22.01 -21.46
N HIS C 29 -19.79 21.82 -21.45
CA HIS C 29 -19.09 21.53 -20.19
C HIS C 29 -18.91 22.80 -19.35
N PRO C 30 -19.32 22.75 -18.07
CA PRO C 30 -19.22 23.97 -17.25
C PRO C 30 -17.81 24.42 -16.85
N MET C 31 -16.80 23.52 -16.89
CA MET C 31 -15.43 23.92 -16.52
C MET C 31 -14.79 24.73 -17.64
N LYS C 32 -14.46 26.00 -17.33
CA LYS C 32 -13.89 26.93 -18.31
C LYS C 32 -12.55 27.51 -17.91
N PRO C 33 -11.44 26.91 -18.36
CA PRO C 33 -10.11 27.45 -18.04
C PRO C 33 -9.90 28.93 -18.42
N HIS C 34 -10.71 29.45 -19.34
CA HIS C 34 -10.66 30.86 -19.74
C HIS C 34 -10.88 31.78 -18.51
N ARG C 35 -11.60 31.29 -17.46
CA ARG C 35 -11.82 32.08 -16.24
C ARG C 35 -10.48 32.46 -15.57
N ILE C 36 -9.42 31.64 -15.75
N ILE C 36 -9.42 31.64 -15.75
CA ILE C 36 -8.11 31.93 -15.17
CA ILE C 36 -8.12 31.94 -15.14
C ILE C 36 -7.47 33.12 -15.88
C ILE C 36 -7.47 33.12 -15.88
N ARG C 37 -7.66 33.21 -17.21
CA ARG C 37 -7.13 34.29 -18.02
C ARG C 37 -7.91 35.57 -17.67
N MET C 38 -9.25 35.47 -17.47
CA MET C 38 -10.06 36.64 -17.07
C MET C 38 -9.59 37.17 -15.72
N THR C 39 -9.30 36.24 -14.78
CA THR C 39 -8.79 36.62 -13.46
C THR C 39 -7.44 37.34 -13.61
N HIS C 40 -6.53 36.76 -14.41
CA HIS C 40 -5.20 37.30 -14.62
C HIS C 40 -5.25 38.71 -15.20
N ASN C 41 -6.05 38.91 -16.24
CA ASN C 41 -6.16 40.21 -16.88
C ASN C 41 -6.76 41.25 -15.95
N LEU C 42 -7.77 40.85 -15.15
CA LEU C 42 -8.38 41.78 -14.22
C LEU C 42 -7.38 42.20 -13.15
N LEU C 43 -6.64 41.23 -12.56
CA LEU C 43 -5.68 41.56 -11.52
C LEU C 43 -4.48 42.37 -12.08
N LEU C 44 -4.15 42.18 -13.37
CA LEU C 44 -3.07 42.92 -14.02
C LEU C 44 -3.51 44.39 -14.15
N ASN C 45 -4.76 44.62 -14.57
CA ASN C 45 -5.29 45.97 -14.76
C ASN C 45 -5.55 46.72 -13.44
N TYR C 46 -5.65 46.00 -12.32
CA TYR C 46 -5.80 46.61 -11.00
C TYR C 46 -4.43 47.02 -10.40
N GLY C 47 -3.33 46.65 -11.06
CA GLY C 47 -1.97 46.95 -10.60
C GLY C 47 -1.44 45.95 -9.60
N LEU C 48 -2.09 44.79 -9.46
CA LEU C 48 -1.68 43.76 -8.50
C LEU C 48 -0.55 42.88 -9.02
N TYR C 49 -0.55 42.62 -10.33
CA TYR C 49 0.46 41.80 -11.02
C TYR C 49 1.86 42.33 -10.74
N ARG C 50 2.03 43.66 -10.77
CA ARG C 50 3.33 44.31 -10.52
C ARG C 50 3.84 44.09 -9.07
N LYS C 51 2.94 43.96 -8.10
CA LYS C 51 3.33 43.78 -6.69
C LYS C 51 3.70 42.33 -6.31
N MET C 52 3.56 41.39 -7.24
CA MET C 52 3.88 39.99 -6.96
C MET C 52 5.06 39.52 -7.79
N GLU C 53 5.72 38.44 -7.34
CA GLU C 53 6.79 37.84 -8.12
C GLU C 53 6.01 36.89 -9.03
N ILE C 54 6.12 37.09 -10.34
CA ILE C 54 5.39 36.30 -11.31
C ILE C 54 6.22 35.18 -11.89
N TYR C 55 5.65 33.97 -11.96
CA TYR C 55 6.36 32.82 -12.51
C TYR C 55 5.51 32.03 -13.48
N ARG C 56 6.12 31.59 -14.57
CA ARG C 56 5.46 30.73 -15.53
C ARG C 56 5.88 29.35 -15.02
N PRO C 57 4.91 28.52 -14.57
CA PRO C 57 5.29 27.23 -14.01
C PRO C 57 5.80 26.26 -15.06
N HIS C 58 6.80 25.48 -14.67
CA HIS C 58 7.33 24.45 -15.54
C HIS C 58 6.29 23.32 -15.51
N LYS C 59 6.10 22.66 -16.63
CA LYS C 59 5.16 21.54 -16.73
C LYS C 59 5.59 20.42 -15.79
N ALA C 60 4.65 19.90 -14.96
CA ALA C 60 4.97 18.78 -14.06
C ALA C 60 5.23 17.55 -14.93
N THR C 61 6.26 16.75 -14.59
CA THR C 61 6.56 15.56 -15.39
C THR C 61 5.64 14.42 -15.02
N ALA C 62 5.50 13.41 -15.93
CA ALA C 62 4.73 12.20 -15.64
C ALA C 62 5.31 11.53 -14.36
N GLU C 63 6.63 11.57 -14.18
CA GLU C 63 7.32 11.01 -13.04
C GLU C 63 6.93 11.71 -11.74
N GLU C 64 6.80 13.05 -11.76
CA GLU C 64 6.37 13.80 -10.58
C GLU C 64 4.92 13.37 -10.24
N MET C 65 4.07 13.21 -11.26
CA MET C 65 2.70 12.80 -11.06
C MET C 65 2.57 11.42 -10.44
N THR C 66 3.47 10.48 -10.81
CA THR C 66 3.41 9.12 -10.27
C THR C 66 3.92 9.02 -8.83
N LYS C 67 4.30 10.14 -8.19
CA LYS C 67 4.61 10.08 -6.75
C LYS C 67 3.29 9.74 -5.99
N TYR C 68 2.11 10.00 -6.65
CA TYR C 68 0.81 9.72 -6.09
C TYR C 68 -0.01 8.86 -7.02
N HIS C 69 -0.18 9.31 -8.27
CA HIS C 69 -1.02 8.57 -9.20
C HIS C 69 -0.39 7.29 -9.70
N SER C 70 -1.23 6.35 -10.15
CA SER C 70 -0.67 5.09 -10.67
C SER C 70 0.01 5.33 -12.04
N ASP C 71 1.03 4.52 -12.37
CA ASP C 71 1.70 4.66 -13.65
C ASP C 71 0.73 4.42 -14.81
N GLU C 72 -0.14 3.41 -14.70
CA GLU C 72 -1.08 3.11 -15.79
C GLU C 72 -2.03 4.28 -16.03
N TYR C 73 -2.49 4.93 -14.95
CA TYR C 73 -3.41 6.06 -15.10
C TYR C 73 -2.71 7.25 -15.80
N ILE C 74 -1.52 7.60 -15.36
CA ILE C 74 -0.76 8.70 -15.95
C ILE C 74 -0.40 8.39 -17.40
N LYS C 75 -0.01 7.14 -17.72
CA LYS C 75 0.30 6.76 -19.10
C LYS C 75 -0.94 6.93 -19.99
N PHE C 76 -2.11 6.57 -19.46
CA PHE C 76 -3.37 6.74 -20.16
C PHE C 76 -3.62 8.23 -20.45
N LEU C 77 -3.45 9.09 -19.43
CA LEU C 77 -3.67 10.54 -19.62
C LEU C 77 -2.72 11.12 -20.67
N ARG C 78 -1.48 10.59 -20.72
CA ARG C 78 -0.50 11.06 -21.70
C ARG C 78 -0.80 10.56 -23.11
N SER C 79 -1.51 9.43 -23.23
CA SER C 79 -1.76 8.81 -24.52
C SER C 79 -3.09 9.10 -25.17
N ILE C 80 -4.15 9.31 -24.39
CA ILE C 80 -5.49 9.52 -24.93
C ILE C 80 -5.61 10.83 -25.72
N ARG C 81 -6.34 10.78 -26.84
CA ARG C 81 -6.56 11.92 -27.73
C ARG C 81 -8.00 11.83 -28.22
N PRO C 82 -8.60 12.97 -28.59
CA PRO C 82 -9.97 12.92 -29.10
C PRO C 82 -10.13 12.02 -30.33
N ASP C 83 -9.07 11.86 -31.15
CA ASP C 83 -9.21 11.02 -32.35
C ASP C 83 -8.73 9.57 -32.19
N ASN C 84 -8.38 9.15 -30.97
CA ASN C 84 -7.95 7.75 -30.75
C ASN C 84 -8.75 7.04 -29.65
N MET C 85 -9.82 7.67 -29.11
CA MET C 85 -10.65 7.11 -28.03
C MET C 85 -11.13 5.67 -28.25
N SER C 86 -11.35 5.24 -29.51
CA SER C 86 -11.80 3.87 -29.77
C SER C 86 -10.76 2.81 -29.37
N GLU C 87 -9.47 3.19 -29.36
CA GLU C 87 -8.41 2.26 -28.94
C GLU C 87 -8.31 2.17 -27.39
N TYR C 88 -9.08 3.00 -26.64
CA TYR C 88 -9.00 3.06 -25.19
C TYR C 88 -10.36 2.96 -24.48
N SER C 89 -11.36 2.31 -25.08
CA SER C 89 -12.68 2.19 -24.46
C SER C 89 -12.65 1.52 -23.08
N LYS C 90 -11.83 0.47 -22.92
CA LYS C 90 -11.73 -0.21 -21.63
C LYS C 90 -11.06 0.70 -20.60
N GLN C 91 -9.97 1.38 -21.00
CA GLN C 91 -9.28 2.25 -20.05
C GLN C 91 -10.12 3.46 -19.66
N MET C 92 -10.97 3.97 -20.56
CA MET C 92 -11.85 5.10 -20.23
C MET C 92 -12.82 4.71 -19.10
N GLN C 93 -13.32 3.47 -19.11
CA GLN C 93 -14.23 3.00 -18.06
C GLN C 93 -13.43 2.81 -16.75
N ARG C 94 -12.23 2.24 -16.85
CA ARG C 94 -11.38 2.00 -15.69
C ARG C 94 -11.00 3.31 -15.00
N PHE C 95 -10.69 4.33 -15.78
CA PHE C 95 -10.19 5.60 -15.24
C PHE C 95 -11.27 6.72 -15.14
N ASN C 96 -12.53 6.40 -15.42
CA ASN C 96 -13.65 7.34 -15.36
C ASN C 96 -13.47 8.57 -16.23
N VAL C 97 -13.06 8.33 -17.47
CA VAL C 97 -12.94 9.41 -18.43
C VAL C 97 -14.22 9.33 -19.24
N GLY C 98 -14.99 10.41 -19.27
CA GLY C 98 -16.28 10.46 -19.95
C GLY C 98 -16.91 11.85 -19.91
N GLU C 99 -18.21 11.96 -19.55
CA GLU C 99 -18.87 13.26 -19.55
C GLU C 99 -18.25 14.30 -18.62
N ASP C 100 -18.05 13.95 -17.33
CA ASP C 100 -17.47 14.91 -16.39
C ASP C 100 -16.04 15.18 -16.68
N CYS C 101 -15.28 14.14 -17.09
CA CYS C 101 -13.86 14.31 -17.34
C CYS C 101 -13.60 13.91 -18.75
N PRO C 102 -13.91 14.80 -19.70
CA PRO C 102 -13.76 14.44 -21.11
C PRO C 102 -12.35 14.46 -21.66
N VAL C 103 -12.18 13.88 -22.85
CA VAL C 103 -10.91 13.89 -23.53
C VAL C 103 -10.91 15.12 -24.40
N PHE C 104 -9.98 16.04 -24.17
CA PHE C 104 -9.90 17.24 -24.98
C PHE C 104 -8.47 17.46 -25.46
N ASP C 105 -8.31 18.28 -26.51
CA ASP C 105 -6.99 18.60 -27.06
C ASP C 105 -6.09 19.23 -25.99
N GLY C 106 -4.91 18.65 -25.82
CA GLY C 106 -3.95 19.14 -24.85
C GLY C 106 -4.27 18.82 -23.41
N LEU C 107 -5.16 17.84 -23.15
CA LEU C 107 -5.49 17.43 -21.77
C LEU C 107 -4.26 17.22 -20.87
N PHE C 108 -3.28 16.43 -21.34
CA PHE C 108 -2.10 16.17 -20.53
C PHE C 108 -1.33 17.43 -20.20
N GLU C 109 -1.16 18.33 -21.18
CA GLU C 109 -0.46 19.59 -20.95
C GLU C 109 -1.23 20.47 -19.95
N PHE C 110 -2.58 20.45 -20.01
CA PHE C 110 -3.38 21.18 -19.02
C PHE C 110 -3.08 20.66 -17.60
N CYS C 111 -3.03 19.34 -17.44
CA CYS C 111 -2.71 18.72 -16.13
C CYS C 111 -1.31 19.11 -15.68
N GLN C 112 -0.36 19.12 -16.62
CA GLN C 112 1.02 19.46 -16.32
C GLN C 112 1.17 20.89 -15.83
N LEU C 113 0.44 21.83 -16.42
CA LEU C 113 0.52 23.25 -16.06
C LEU C 113 -0.20 23.52 -14.75
N SER C 114 -1.39 22.93 -14.59
CA SER C 114 -2.17 23.04 -13.35
C SER C 114 -1.33 22.51 -12.17
N THR C 115 -0.75 21.29 -12.31
CA THR C 115 0.04 20.67 -11.25
C THR C 115 1.37 21.39 -11.04
N GLY C 116 2.01 21.77 -12.14
CA GLY C 116 3.29 22.47 -12.12
C GLY C 116 3.26 23.72 -11.25
N GLY C 117 2.18 24.48 -11.34
CA GLY C 117 2.04 25.68 -10.52
C GLY C 117 1.95 25.38 -9.03
N SER C 118 1.17 24.35 -8.68
CA SER C 118 1.00 23.97 -7.28
C SER C 118 2.28 23.43 -6.66
N VAL C 119 2.95 22.52 -7.38
CA VAL C 119 4.19 21.93 -6.87
C VAL C 119 5.29 23.00 -6.77
N ALA C 120 5.39 23.88 -7.77
CA ALA C 120 6.39 24.96 -7.74
C ALA C 120 6.15 25.88 -6.56
N GLY C 121 4.87 26.18 -6.26
CA GLY C 121 4.51 27.02 -5.11
C GLY C 121 4.95 26.37 -3.82
N ALA C 122 4.73 25.04 -3.72
CA ALA C 122 5.14 24.31 -2.51
C ALA C 122 6.65 24.33 -2.36
N VAL C 123 7.40 24.18 -3.46
CA VAL C 123 8.87 24.22 -3.41
C VAL C 123 9.32 25.60 -2.94
N LYS C 124 8.70 26.66 -3.48
CA LYS C 124 9.03 28.04 -3.10
C LYS C 124 8.82 28.27 -1.59
N LEU C 125 7.70 27.74 -1.04
CA LEU C 125 7.40 27.86 0.39
C LEU C 125 8.39 27.02 1.21
N ASN C 126 8.77 25.83 0.72
CA ASN C 126 9.74 24.97 1.42
C ASN C 126 11.10 25.66 1.51
N ARG C 127 11.51 26.31 0.43
CA ARG C 127 12.79 27.02 0.40
C ARG C 127 12.79 28.34 1.18
N GLN C 128 11.64 28.71 1.79
CA GLN C 128 11.47 29.95 2.55
C GLN C 128 11.76 31.18 1.68
N GLN C 129 11.39 31.09 0.39
CA GLN C 129 11.58 32.20 -0.54
C GLN C 129 10.31 33.02 -0.77
N THR C 130 9.21 32.66 -0.11
CA THR C 130 7.93 33.36 -0.17
C THR C 130 7.09 33.06 1.06
N ASP C 131 6.12 33.93 1.35
CA ASP C 131 5.19 33.75 2.46
C ASP C 131 3.90 33.10 1.90
N MET C 132 3.50 33.49 0.69
CA MET C 132 2.33 32.99 0.01
C MET C 132 2.67 32.64 -1.43
N ALA C 133 2.07 31.58 -1.93
CA ALA C 133 2.22 31.15 -3.32
C ALA C 133 0.79 30.98 -3.81
N VAL C 134 0.49 31.50 -5.00
CA VAL C 134 -0.85 31.45 -5.57
C VAL C 134 -0.87 30.74 -6.90
N ASN C 135 -1.79 29.77 -7.07
CA ASN C 135 -1.94 29.06 -8.34
C ASN C 135 -3.43 28.89 -8.61
N TRP C 136 -4.04 29.87 -9.31
CA TRP C 136 -5.48 29.78 -9.58
C TRP C 136 -5.84 28.62 -10.54
N ALA C 137 -4.86 28.08 -11.29
CA ALA C 137 -5.14 26.94 -12.17
C ALA C 137 -5.18 25.60 -11.42
N GLY C 138 -4.81 25.60 -10.15
CA GLY C 138 -4.80 24.39 -9.34
C GLY C 138 -6.06 24.23 -8.51
N GLY C 139 -6.01 23.35 -7.52
CA GLY C 139 -7.16 23.10 -6.65
C GLY C 139 -8.12 22.03 -7.17
N LEU C 140 -7.61 21.12 -8.03
CA LEU C 140 -8.46 20.09 -8.62
C LEU C 140 -8.57 18.88 -7.68
N HIS C 141 -9.31 19.13 -6.60
CA HIS C 141 -9.43 18.26 -5.44
C HIS C 141 -10.11 16.90 -5.59
N HIS C 142 -10.79 16.59 -6.71
CA HIS C 142 -11.48 15.29 -6.80
C HIS C 142 -10.63 14.17 -7.38
N ALA C 143 -9.53 14.50 -8.07
CA ALA C 143 -8.73 13.45 -8.72
C ALA C 143 -8.24 12.40 -7.76
N LYS C 144 -8.36 11.14 -8.15
CA LYS C 144 -7.96 10.00 -7.30
C LYS C 144 -6.70 9.32 -7.83
N LYS C 145 -6.10 8.39 -7.06
CA LYS C 145 -4.85 7.73 -7.49
C LYS C 145 -4.90 7.19 -8.91
N SER C 146 -6.01 6.52 -9.23
CA SER C 146 -6.16 5.93 -10.53
C SER C 146 -7.53 6.19 -11.11
N GLU C 147 -8.02 7.42 -10.95
CA GLU C 147 -9.33 7.76 -11.48
C GLU C 147 -9.52 9.26 -11.59
N ALA C 148 -10.05 9.70 -12.72
CA ALA C 148 -10.42 11.10 -12.90
C ALA C 148 -11.79 11.23 -12.22
N SER C 149 -12.11 12.44 -11.74
CA SER C 149 -13.39 12.65 -11.10
C SER C 149 -13.74 14.12 -11.09
N GLY C 150 -15.02 14.44 -11.29
CA GLY C 150 -15.51 15.81 -11.17
C GLY C 150 -14.66 16.92 -11.77
N PHE C 151 -14.37 16.76 -13.07
CA PHE C 151 -13.58 17.70 -13.86
C PHE C 151 -12.09 17.74 -13.55
N CYS C 152 -11.61 16.86 -12.63
CA CYS C 152 -10.22 16.80 -12.16
C CYS C 152 -9.59 15.52 -12.64
N TYR C 153 -8.34 15.63 -13.14
CA TYR C 153 -7.65 14.46 -13.65
C TYR C 153 -6.40 14.16 -12.82
N VAL C 154 -5.60 15.18 -12.50
CA VAL C 154 -4.39 15.03 -11.70
C VAL C 154 -4.58 15.85 -10.43
N ASN C 155 -4.35 15.23 -9.28
CA ASN C 155 -4.55 15.91 -8.02
C ASN C 155 -3.36 16.76 -7.67
N ASP C 156 -3.36 18.00 -8.18
CA ASP C 156 -2.26 18.93 -7.93
C ASP C 156 -2.10 19.23 -6.43
N ILE C 157 -3.22 19.19 -5.70
CA ILE C 157 -3.20 19.49 -4.27
C ILE C 157 -2.43 18.43 -3.52
N VAL C 158 -2.73 17.14 -3.78
CA VAL C 158 -2.03 16.05 -3.10
C VAL C 158 -0.54 16.11 -3.43
N LEU C 159 -0.21 16.35 -4.70
CA LEU C 159 1.21 16.45 -5.10
C LEU C 159 1.93 17.61 -4.39
N ALA C 160 1.26 18.78 -4.27
CA ALA C 160 1.86 19.91 -3.58
C ALA C 160 2.01 19.60 -2.10
N ILE C 161 1.04 18.90 -1.49
CA ILE C 161 1.16 18.57 -0.06
C ILE C 161 2.27 17.56 0.18
N LEU C 162 2.45 16.59 -0.74
CA LEU C 162 3.58 15.63 -0.58
C LEU C 162 4.91 16.39 -0.62
N GLU C 163 5.01 17.43 -1.47
CA GLU C 163 6.20 18.25 -1.52
C GLU C 163 6.38 19.03 -0.20
N LEU C 164 5.28 19.66 0.32
CA LEU C 164 5.37 20.37 1.60
C LEU C 164 5.79 19.48 2.76
N LEU C 165 5.38 18.19 2.74
CA LEU C 165 5.69 17.24 3.83
C LEU C 165 7.19 16.94 3.97
N LYS C 166 7.99 17.30 2.97
CA LYS C 166 9.45 17.10 3.06
C LYS C 166 10.04 18.10 4.07
N TYR C 167 9.42 19.30 4.22
CA TYR C 167 9.93 20.34 5.09
C TYR C 167 9.02 20.70 6.26
N HIS C 168 7.78 20.19 6.28
CA HIS C 168 6.81 20.47 7.32
C HIS C 168 6.23 19.20 7.94
N GLN C 169 6.33 19.06 9.27
CA GLN C 169 5.83 17.87 9.97
C GLN C 169 4.30 17.75 9.87
N ARG C 170 3.60 18.90 9.97
CA ARG C 170 2.15 18.95 9.91
C ARG C 170 1.67 19.99 8.91
N VAL C 171 0.82 19.57 7.98
CA VAL C 171 0.26 20.48 6.97
C VAL C 171 -1.27 20.50 7.12
N LEU C 172 -1.88 21.71 7.09
CA LEU C 172 -3.32 21.84 7.19
C LEU C 172 -3.86 22.19 5.82
N TYR C 173 -4.88 21.46 5.38
CA TYR C 173 -5.54 21.70 4.10
C TYR C 173 -6.96 22.18 4.44
N ILE C 174 -7.36 23.33 3.90
CA ILE C 174 -8.72 23.87 4.12
C ILE C 174 -9.35 24.01 2.73
N ASP C 175 -10.58 23.57 2.57
CA ASP C 175 -11.25 23.56 1.28
C ASP C 175 -12.60 24.27 1.39
N ILE C 176 -12.72 25.43 0.73
CA ILE C 176 -13.97 26.21 0.78
C ILE C 176 -14.76 26.13 -0.53
N ASP C 177 -14.40 25.19 -1.43
CA ASP C 177 -15.17 24.92 -2.64
C ASP C 177 -16.55 24.40 -2.13
N ILE C 178 -17.62 24.59 -2.91
CA ILE C 178 -18.93 24.07 -2.44
C ILE C 178 -18.98 22.54 -2.41
N HIS C 179 -18.08 21.85 -3.14
CA HIS C 179 -18.07 20.40 -3.19
C HIS C 179 -17.05 19.80 -2.24
N HIS C 180 -17.34 18.63 -1.65
CA HIS C 180 -16.42 17.99 -0.71
C HIS C 180 -15.06 17.72 -1.37
N GLY C 181 -13.96 18.03 -0.67
CA GLY C 181 -12.62 17.78 -1.19
C GLY C 181 -12.23 16.32 -0.97
N ASP C 182 -12.97 15.41 -1.65
CA ASP C 182 -12.81 13.97 -1.45
C ASP C 182 -11.46 13.41 -1.84
N GLY C 183 -10.91 13.82 -2.97
CA GLY C 183 -9.63 13.28 -3.40
C GLY C 183 -8.49 13.57 -2.43
N VAL C 184 -8.48 14.78 -1.86
CA VAL C 184 -7.44 15.16 -0.90
C VAL C 184 -7.67 14.45 0.42
N GLU C 185 -8.94 14.42 0.88
CA GLU C 185 -9.27 13.74 2.14
C GLU C 185 -8.84 12.26 2.08
N GLU C 186 -9.14 11.60 0.97
CA GLU C 186 -8.81 10.18 0.79
C GLU C 186 -7.31 9.95 0.78
N ALA C 187 -6.54 10.82 0.12
CA ALA C 187 -5.08 10.65 0.05
C ALA C 187 -4.44 10.63 1.43
N PHE C 188 -4.97 11.44 2.35
CA PHE C 188 -4.39 11.57 3.69
C PHE C 188 -5.27 11.04 4.83
N TYR C 189 -6.30 10.26 4.50
CA TYR C 189 -7.25 9.77 5.49
C TYR C 189 -6.66 9.04 6.66
N THR C 190 -5.53 8.33 6.44
CA THR C 190 -4.93 7.54 7.51
C THR C 190 -3.65 8.13 8.08
N THR C 191 -3.40 9.43 7.85
CA THR C 191 -2.23 10.04 8.45
C THR C 191 -2.58 11.24 9.31
N ASP C 192 -1.77 11.46 10.34
CA ASP C 192 -1.92 12.62 11.21
C ASP C 192 -0.99 13.77 10.75
N ARG C 193 -0.18 13.56 9.68
CA ARG C 193 0.71 14.58 9.14
C ARG C 193 0.01 15.61 8.26
N VAL C 194 -1.25 15.34 7.89
CA VAL C 194 -2.08 16.28 7.14
C VAL C 194 -3.46 16.29 7.79
N MET C 195 -4.00 17.49 8.07
CA MET C 195 -5.37 17.60 8.56
C MET C 195 -6.15 18.17 7.41
N THR C 196 -7.27 17.54 7.02
CA THR C 196 -8.08 18.08 5.92
C THR C 196 -9.37 18.62 6.50
N VAL C 197 -9.76 19.86 6.13
CA VAL C 197 -10.99 20.48 6.66
C VAL C 197 -11.80 20.95 5.47
N SER C 198 -12.99 20.41 5.30
CA SER C 198 -13.83 20.77 4.15
C SER C 198 -15.17 21.29 4.62
N PHE C 199 -15.60 22.43 4.05
CA PHE C 199 -16.90 23.05 4.31
C PHE C 199 -17.60 22.88 2.95
N HIS C 200 -18.76 22.21 2.91
CA HIS C 200 -19.38 21.92 1.61
C HIS C 200 -20.85 21.60 1.71
N LYS C 201 -21.54 21.68 0.58
CA LYS C 201 -22.93 21.30 0.50
C LYS C 201 -22.96 19.78 0.59
N TYR C 202 -23.86 19.23 1.41
CA TYR C 202 -23.98 17.80 1.61
C TYR C 202 -25.45 17.38 1.58
N GLY C 203 -25.74 16.32 0.83
CA GLY C 203 -27.10 15.79 0.69
C GLY C 203 -27.59 15.98 -0.73
N GLU C 204 -27.79 14.88 -1.48
CA GLU C 204 -28.22 14.89 -2.90
C GLU C 204 -27.33 15.83 -3.71
N TYR C 205 -26.00 15.67 -3.53
CA TYR C 205 -25.07 16.57 -4.17
C TYR C 205 -23.72 15.89 -4.37
N PHE C 206 -23.10 16.14 -5.52
CA PHE C 206 -21.79 15.57 -5.85
C PHE C 206 -20.74 16.01 -4.84
N PRO C 207 -19.79 15.13 -4.45
CA PRO C 207 -19.62 13.73 -4.84
C PRO C 207 -20.29 12.69 -3.93
N GLY C 208 -21.10 13.16 -2.99
CA GLY C 208 -21.83 12.25 -2.09
C GLY C 208 -21.14 11.91 -0.80
N THR C 209 -19.91 12.41 -0.62
CA THR C 209 -19.09 12.14 0.57
C THR C 209 -18.91 13.39 1.46
N GLY C 210 -18.19 13.25 2.58
CA GLY C 210 -17.94 14.36 3.46
C GLY C 210 -19.02 14.48 4.52
N ASP C 211 -19.43 13.33 5.06
CA ASP C 211 -20.43 13.30 6.11
C ASP C 211 -19.77 13.79 7.41
N LEU C 212 -20.60 14.26 8.35
CA LEU C 212 -20.14 14.69 9.67
C LEU C 212 -19.31 13.58 10.38
N ARG C 213 -19.70 12.31 10.18
CA ARG C 213 -19.05 11.13 10.80
C ARG C 213 -17.74 10.71 10.17
N ASP C 214 -17.36 11.31 9.02
CA ASP C 214 -16.11 10.95 8.36
C ASP C 214 -15.00 11.77 8.99
N ILE C 215 -14.31 11.20 9.98
CA ILE C 215 -13.28 11.89 10.73
C ILE C 215 -11.87 11.27 10.59
N GLY C 216 -11.68 10.35 9.67
CA GLY C 216 -10.36 9.74 9.50
C GLY C 216 -10.29 8.33 10.06
N ALA C 217 -9.19 7.62 9.75
CA ALA C 217 -9.01 6.26 10.26
C ALA C 217 -7.53 6.03 10.64
N GLY C 218 -7.27 5.01 11.48
CA GLY C 218 -5.92 4.70 11.95
C GLY C 218 -5.31 5.89 12.65
N LYS C 219 -4.03 6.19 12.38
CA LYS C 219 -3.39 7.36 12.97
C LYS C 219 -4.09 8.68 12.57
N GLY C 220 -4.84 8.65 11.47
CA GLY C 220 -5.54 9.83 11.00
C GLY C 220 -6.91 10.03 11.63
N LYS C 221 -7.29 9.21 12.64
CA LYS C 221 -8.59 9.39 13.31
C LYS C 221 -8.56 10.74 14.02
N TYR C 222 -9.56 11.58 13.72
CA TYR C 222 -9.73 12.96 14.18
C TYR C 222 -8.96 13.98 13.34
N TYR C 223 -8.27 13.54 12.27
CA TYR C 223 -7.52 14.45 11.41
C TYR C 223 -8.22 14.75 10.09
N ALA C 224 -9.50 14.40 9.97
CA ALA C 224 -10.30 14.76 8.79
C ALA C 224 -11.53 15.44 9.42
N VAL C 225 -11.86 16.63 8.93
CA VAL C 225 -12.99 17.40 9.48
C VAL C 225 -13.92 17.75 8.33
N ASN C 226 -15.22 17.51 8.50
CA ASN C 226 -16.20 17.82 7.47
C ASN C 226 -17.33 18.62 8.07
N PHE C 227 -17.68 19.74 7.42
CA PHE C 227 -18.79 20.57 7.89
C PHE C 227 -19.85 20.49 6.80
N PRO C 228 -20.79 19.55 6.92
CA PRO C 228 -21.84 19.42 5.90
C PRO C 228 -22.85 20.56 6.03
N MET C 229 -23.18 21.18 4.89
CA MET C 229 -24.09 22.34 4.83
C MET C 229 -25.26 22.11 3.90
N ARG C 230 -26.34 22.88 4.12
CA ARG C 230 -27.51 22.84 3.26
C ARG C 230 -27.48 24.09 2.34
N ASP C 231 -28.41 24.19 1.39
CA ASP C 231 -28.46 25.32 0.46
C ASP C 231 -28.56 26.69 1.15
N GLY C 232 -28.11 27.72 0.45
CA GLY C 232 -28.28 29.10 0.85
C GLY C 232 -27.51 29.69 1.99
N ILE C 233 -26.40 29.05 2.42
CA ILE C 233 -25.60 29.65 3.50
C ILE C 233 -25.12 31.05 3.08
N ASP C 234 -25.17 32.00 3.99
CA ASP C 234 -24.80 33.37 3.70
C ASP C 234 -23.52 33.80 4.42
N ASP C 235 -23.03 35.03 4.17
CA ASP C 235 -21.79 35.53 4.78
C ASP C 235 -21.79 35.44 6.29
N GLU C 236 -22.87 35.89 6.93
CA GLU C 236 -22.96 35.86 8.39
C GLU C 236 -22.88 34.43 8.94
N SER C 237 -23.67 33.50 8.41
CA SER C 237 -23.68 32.12 8.92
C SER C 237 -22.35 31.42 8.67
N TYR C 238 -21.79 31.59 7.48
CA TYR C 238 -20.53 30.94 7.12
C TYR C 238 -19.39 31.49 7.97
N GLY C 239 -19.32 32.81 8.11
CA GLY C 239 -18.27 33.46 8.88
C GLY C 239 -18.29 33.08 10.35
N GLN C 240 -19.50 32.85 10.89
CA GLN C 240 -19.67 32.46 12.30
C GLN C 240 -19.19 31.05 12.60
N ILE C 241 -19.02 30.20 11.56
CA ILE C 241 -18.52 28.86 11.81
C ILE C 241 -17.08 28.71 11.34
N PHE C 242 -16.69 29.39 10.23
CA PHE C 242 -15.34 29.27 9.69
C PHE C 242 -14.26 29.72 10.68
N LYS C 243 -14.36 30.95 11.21
CA LYS C 243 -13.34 31.44 12.15
C LYS C 243 -13.23 30.58 13.42
N PRO C 244 -14.33 30.27 14.14
CA PRO C 244 -14.19 29.44 15.35
C PRO C 244 -13.61 28.05 15.07
N ILE C 245 -14.06 27.39 13.99
CA ILE C 245 -13.56 26.05 13.64
C ILE C 245 -12.08 26.12 13.28
N ILE C 246 -11.69 27.03 12.37
CA ILE C 246 -10.28 27.15 11.98
C ILE C 246 -9.39 27.56 13.16
N SER C 247 -9.90 28.43 14.06
CA SER C 247 -9.10 28.84 15.22
C SER C 247 -8.86 27.63 16.13
N LYS C 248 -9.88 26.78 16.35
CA LYS C 248 -9.72 25.58 17.18
C LYS C 248 -8.77 24.59 16.51
N VAL C 249 -8.89 24.44 15.17
CA VAL C 249 -7.98 23.57 14.41
C VAL C 249 -6.52 24.06 14.56
N MET C 250 -6.26 25.37 14.39
CA MET C 250 -4.90 25.92 14.51
C MET C 250 -4.34 25.67 15.92
N GLU C 251 -5.18 25.88 16.94
CA GLU C 251 -4.78 25.69 18.33
C GLU C 251 -4.40 24.22 18.64
N MET C 252 -5.25 23.26 18.27
CA MET C 252 -5.05 21.84 18.53
C MET C 252 -4.00 21.19 17.65
N TYR C 253 -4.00 21.51 16.35
CA TYR C 253 -3.10 20.88 15.40
C TYR C 253 -1.74 21.53 15.24
N GLN C 254 -1.66 22.86 15.38
CA GLN C 254 -0.42 23.62 15.22
C GLN C 254 0.34 23.27 13.94
N PRO C 255 -0.30 23.50 12.78
CA PRO C 255 0.38 23.17 11.51
C PRO C 255 1.51 24.14 11.20
N SER C 256 2.50 23.69 10.38
CA SER C 256 3.58 24.61 10.00
C SER C 256 3.44 25.14 8.58
N ALA C 257 2.42 24.68 7.82
CA ALA C 257 2.11 25.15 6.48
C ALA C 257 0.62 24.92 6.22
N VAL C 258 0.01 25.77 5.39
CA VAL C 258 -1.41 25.66 5.10
C VAL C 258 -1.63 25.70 3.59
N VAL C 259 -2.57 24.90 3.11
CA VAL C 259 -2.98 24.89 1.71
C VAL C 259 -4.45 25.22 1.74
N LEU C 260 -4.85 26.29 1.05
CA LEU C 260 -6.23 26.73 1.02
C LEU C 260 -6.77 26.63 -0.40
N GLN C 261 -7.76 25.77 -0.61
CA GLN C 261 -8.42 25.59 -1.90
C GLN C 261 -9.57 26.61 -1.85
N CYS C 262 -9.57 27.57 -2.79
CA CYS C 262 -10.49 28.72 -2.88
C CYS C 262 -11.55 28.58 -3.95
N GLY C 263 -12.14 27.39 -4.08
CA GLY C 263 -13.18 27.15 -5.08
C GLY C 263 -14.29 28.17 -4.99
N ALA C 264 -14.52 28.90 -6.09
CA ALA C 264 -15.46 30.01 -6.15
C ALA C 264 -16.90 29.62 -6.42
N ASP C 265 -17.20 28.32 -6.46
CA ASP C 265 -18.56 27.85 -6.67
C ASP C 265 -19.43 27.95 -5.41
N SER C 266 -18.84 28.38 -4.28
CA SER C 266 -19.58 28.63 -3.06
C SER C 266 -20.16 30.07 -3.08
N LEU C 267 -19.95 30.84 -4.18
CA LEU C 267 -20.50 32.21 -4.27
C LEU C 267 -21.93 32.17 -4.73
N SER C 268 -22.67 33.22 -4.35
CA SER C 268 -24.04 33.44 -4.79
C SER C 268 -24.02 33.58 -6.33
N GLY C 269 -25.02 33.03 -7.00
CA GLY C 269 -25.12 33.14 -8.45
C GLY C 269 -24.30 32.13 -9.26
N ASP C 270 -23.63 31.19 -8.58
CA ASP C 270 -22.84 30.18 -9.32
C ASP C 270 -23.75 29.26 -10.13
N ARG C 271 -23.34 28.91 -11.37
CA ARG C 271 -24.12 28.05 -12.25
C ARG C 271 -24.41 26.66 -11.69
N LEU C 272 -23.47 26.11 -10.91
CA LEU C 272 -23.67 24.77 -10.33
C LEU C 272 -23.95 24.82 -8.83
N GLY C 273 -23.40 25.81 -8.16
CA GLY C 273 -23.53 25.94 -6.71
C GLY C 273 -24.86 26.46 -6.22
N CYS C 274 -25.12 26.23 -4.94
CA CYS C 274 -26.35 26.63 -4.27
C CYS C 274 -26.11 27.38 -2.97
N PHE C 275 -24.95 28.03 -2.81
CA PHE C 275 -24.63 28.83 -1.63
C PHE C 275 -24.91 30.32 -1.95
N ASN C 276 -24.86 31.20 -0.92
CA ASN C 276 -25.18 32.61 -1.13
C ASN C 276 -24.10 33.54 -0.59
N LEU C 277 -22.83 33.15 -0.72
CA LEU C 277 -21.74 34.00 -0.25
C LEU C 277 -21.43 35.13 -1.22
N THR C 278 -20.95 36.26 -0.69
CA THR C 278 -20.48 37.34 -1.55
C THR C 278 -18.95 37.14 -1.70
N VAL C 279 -18.29 37.89 -2.60
CA VAL C 279 -16.85 37.84 -2.76
C VAL C 279 -16.18 38.21 -1.41
N LYS C 280 -16.77 39.19 -0.68
CA LYS C 280 -16.22 39.55 0.63
C LYS C 280 -16.37 38.42 1.64
N GLY C 281 -17.48 37.70 1.60
CA GLY C 281 -17.72 36.59 2.52
C GLY C 281 -16.76 35.45 2.26
N HIS C 282 -16.53 35.17 0.97
CA HIS C 282 -15.60 34.12 0.55
C HIS C 282 -14.19 34.53 0.93
N ALA C 283 -13.77 35.78 0.61
CA ALA C 283 -12.41 36.28 0.89
C ALA C 283 -12.11 36.42 2.38
N LYS C 284 -13.17 36.50 3.22
CA LYS C 284 -12.97 36.54 4.69
C LYS C 284 -12.21 35.26 5.13
N CYS C 285 -12.40 34.14 4.40
CA CYS C 285 -11.70 32.89 4.71
C CYS C 285 -10.19 33.06 4.53
N VAL C 286 -9.78 33.75 3.46
CA VAL C 286 -8.37 34.00 3.23
C VAL C 286 -7.81 34.89 4.34
N GLU C 287 -8.58 35.94 4.71
CA GLU C 287 -8.19 36.86 5.76
C GLU C 287 -7.97 36.15 7.08
N VAL C 288 -8.88 35.26 7.49
CA VAL C 288 -8.76 34.52 8.74
C VAL C 288 -7.50 33.64 8.70
N VAL C 289 -7.31 32.91 7.60
CA VAL C 289 -6.15 32.03 7.46
C VAL C 289 -4.83 32.83 7.57
N LYS C 290 -4.78 34.02 6.95
CA LYS C 290 -3.58 34.86 6.99
C LYS C 290 -3.19 35.31 8.41
N THR C 291 -4.16 35.49 9.32
CA THR C 291 -3.87 35.93 10.69
C THR C 291 -2.94 34.99 11.47
N PHE C 292 -2.84 33.73 11.03
CA PHE C 292 -1.99 32.74 11.71
C PHE C 292 -0.50 32.82 11.28
N ASN C 293 -0.18 33.68 10.29
CA ASN C 293 1.19 33.91 9.82
C ASN C 293 1.96 32.63 9.49
N LEU C 294 1.34 31.72 8.73
CA LEU C 294 2.01 30.47 8.33
C LEU C 294 2.23 30.45 6.83
N PRO C 295 3.26 29.70 6.34
CA PRO C 295 3.44 29.57 4.87
C PRO C 295 2.12 29.07 4.27
N LEU C 296 1.65 29.75 3.22
CA LEU C 296 0.35 29.47 2.66
C LEU C 296 0.35 29.32 1.15
N LEU C 297 -0.25 28.22 0.68
CA LEU C 297 -0.41 27.95 -0.75
C LEU C 297 -1.90 28.14 -1.04
N MET C 298 -2.25 29.15 -1.88
CA MET C 298 -3.64 29.42 -2.23
C MET C 298 -3.90 28.87 -3.61
N LEU C 299 -4.91 28.03 -3.73
CA LEU C 299 -5.25 27.39 -5.00
C LEU C 299 -6.67 27.69 -5.45
N GLY C 300 -6.92 27.48 -6.73
CA GLY C 300 -8.25 27.66 -7.31
C GLY C 300 -9.15 26.47 -7.01
N GLY C 301 -9.99 26.11 -7.97
CA GLY C 301 -10.92 25.00 -7.83
C GLY C 301 -12.13 25.25 -8.69
N GLY C 302 -13.31 24.95 -8.16
CA GLY C 302 -14.54 25.18 -8.90
C GLY C 302 -14.85 26.65 -9.08
N GLY C 303 -15.97 26.94 -9.74
CA GLY C 303 -16.38 28.31 -10.02
C GLY C 303 -16.86 28.29 -11.45
N TYR C 304 -18.17 28.44 -11.65
CA TYR C 304 -18.78 28.24 -12.96
C TYR C 304 -19.54 29.46 -13.53
N THR C 305 -19.64 30.57 -12.79
CA THR C 305 -20.20 31.83 -13.35
C THR C 305 -18.88 32.58 -13.47
N ILE C 306 -18.20 32.47 -14.63
CA ILE C 306 -16.83 32.93 -14.78
C ILE C 306 -16.57 34.41 -14.52
N ARG C 307 -17.55 35.32 -14.75
CA ARG C 307 -17.30 36.73 -14.41
C ARG C 307 -17.17 36.88 -12.88
N ASN C 308 -17.87 36.04 -12.09
CA ASN C 308 -17.77 36.09 -10.63
C ASN C 308 -16.52 35.40 -10.12
N VAL C 309 -16.02 34.38 -10.84
CA VAL C 309 -14.75 33.73 -10.46
C VAL C 309 -13.63 34.75 -10.61
N ALA C 310 -13.63 35.51 -11.73
CA ALA C 310 -12.63 36.55 -11.96
C ALA C 310 -12.65 37.59 -10.84
N ARG C 311 -13.83 38.02 -10.41
CA ARG C 311 -13.96 38.99 -9.32
C ARG C 311 -13.42 38.42 -8.01
N CYS C 312 -13.82 37.19 -7.68
CA CYS C 312 -13.43 36.51 -6.45
C CYS C 312 -11.91 36.32 -6.33
N TRP C 313 -11.28 35.71 -7.36
CA TRP C 313 -9.86 35.44 -7.28
C TRP C 313 -9.02 36.72 -7.41
N THR C 314 -9.55 37.76 -8.10
CA THR C 314 -8.85 39.05 -8.16
C THR C 314 -8.84 39.64 -6.74
N TYR C 315 -10.00 39.62 -6.06
CA TYR C 315 -10.07 40.16 -4.70
C TYR C 315 -9.23 39.37 -3.72
N GLU C 316 -9.21 38.03 -3.86
CA GLU C 316 -8.41 37.19 -2.96
C GLU C 316 -6.90 37.38 -3.18
N THR C 317 -6.49 37.76 -4.41
CA THR C 317 -5.08 38.06 -4.67
C THR C 317 -4.75 39.40 -3.96
N ALA C 318 -5.67 40.38 -3.99
CA ALA C 318 -5.51 41.67 -3.30
C ALA C 318 -5.43 41.43 -1.79
N VAL C 319 -6.23 40.50 -1.25
CA VAL C 319 -6.20 40.14 0.17
C VAL C 319 -4.82 39.57 0.50
N ALA C 320 -4.30 38.64 -0.34
CA ALA C 320 -2.96 38.06 -0.12
C ALA C 320 -1.89 39.17 -0.08
N LEU C 321 -2.01 40.17 -0.95
CA LEU C 321 -1.09 41.29 -1.00
C LEU C 321 -1.38 42.39 0.05
N ASP C 322 -2.48 42.26 0.82
CA ASP C 322 -2.93 43.27 1.81
C ASP C 322 -3.03 44.65 1.11
N CYS C 323 -3.60 44.64 -0.11
CA CYS C 323 -3.76 45.85 -0.90
CA CYS C 323 -3.76 45.84 -0.92
C CYS C 323 -5.23 46.13 -1.17
N GLU C 324 -5.71 47.29 -0.72
CA GLU C 324 -7.09 47.66 -0.96
C GLU C 324 -7.24 47.99 -2.44
N ILE C 325 -8.32 47.53 -3.07
CA ILE C 325 -8.61 47.81 -4.47
C ILE C 325 -10.02 48.39 -4.58
N PRO C 326 -10.22 49.40 -5.45
CA PRO C 326 -11.55 50.00 -5.56
C PRO C 326 -12.61 49.08 -6.14
N ASN C 327 -13.87 49.35 -5.76
CA ASN C 327 -15.02 48.60 -6.25
C ASN C 327 -15.22 48.81 -7.76
N GLU C 328 -14.78 49.96 -8.29
CA GLU C 328 -14.92 50.25 -9.71
C GLU C 328 -13.87 49.44 -10.44
N LEU C 329 -14.30 48.55 -11.33
CA LEU C 329 -13.37 47.73 -12.09
C LEU C 329 -12.55 48.59 -13.01
N PRO C 330 -11.25 48.29 -13.14
CA PRO C 330 -10.43 49.06 -14.08
C PRO C 330 -10.80 48.60 -15.48
N TYR C 331 -10.31 49.33 -16.49
CA TYR C 331 -10.53 48.91 -17.88
C TYR C 331 -9.71 47.61 -18.08
N ASN C 332 -10.24 46.66 -18.84
CA ASN C 332 -9.56 45.39 -19.07
C ASN C 332 -10.05 44.74 -20.36
N ASP C 333 -9.36 43.68 -20.83
CA ASP C 333 -9.70 42.96 -22.06
C ASP C 333 -11.10 42.36 -22.08
N TYR C 334 -11.72 42.19 -20.90
CA TYR C 334 -13.06 41.58 -20.83
C TYR C 334 -14.07 42.49 -20.16
N PHE C 335 -13.82 43.82 -20.17
CA PHE C 335 -14.65 44.83 -19.54
C PHE C 335 -16.14 44.64 -19.78
N GLU C 336 -16.53 44.44 -21.03
CA GLU C 336 -17.92 44.25 -21.42
C GLU C 336 -18.62 43.12 -20.67
N TYR C 337 -17.88 42.06 -20.31
CA TYR C 337 -18.41 40.90 -19.58
C TYR C 337 -18.93 41.26 -18.18
N PHE C 338 -18.47 42.40 -17.62
CA PHE C 338 -18.88 42.81 -16.27
C PHE C 338 -19.99 43.85 -16.21
N GLY C 339 -20.67 44.09 -17.33
CA GLY C 339 -21.74 45.06 -17.41
C GLY C 339 -23.04 44.61 -16.78
N PRO C 340 -23.98 45.52 -16.52
CA PRO C 340 -23.97 46.97 -16.84
C PRO C 340 -23.39 47.87 -15.76
N ASP C 341 -23.03 47.34 -14.58
CA ASP C 341 -22.50 48.19 -13.49
C ASP C 341 -20.98 48.21 -13.39
N PHE C 342 -20.30 47.17 -13.90
CA PHE C 342 -18.85 47.13 -13.90
C PHE C 342 -18.20 47.28 -12.51
N LYS C 343 -18.77 46.59 -11.50
CA LYS C 343 -18.23 46.64 -10.12
C LYS C 343 -17.57 45.31 -9.74
N LEU C 344 -16.69 45.33 -8.74
CA LEU C 344 -15.96 44.15 -8.29
C LEU C 344 -16.84 43.32 -7.35
N HIS C 345 -17.58 43.97 -6.46
CA HIS C 345 -18.39 43.26 -5.49
C HIS C 345 -19.83 43.01 -5.95
N ILE C 346 -20.32 41.82 -5.66
CA ILE C 346 -21.66 41.36 -6.02
C ILE C 346 -22.57 41.39 -4.80
N SER C 347 -23.86 41.53 -5.06
CA SER C 347 -24.86 41.51 -3.98
C SER C 347 -25.36 40.08 -3.89
N PRO C 348 -25.63 39.58 -2.66
CA PRO C 348 -26.17 38.22 -2.55
C PRO C 348 -27.61 38.18 -3.10
N SER C 349 -28.10 36.98 -3.34
CA SER C 349 -29.46 36.80 -3.82
C SER C 349 -30.41 36.74 -2.61
N ASN C 350 -31.73 36.65 -2.86
CA ASN C 350 -32.70 36.55 -1.78
C ASN C 350 -33.06 35.08 -1.48
N MET C 351 -32.22 34.11 -1.89
CA MET C 351 -32.49 32.70 -1.64
C MET C 351 -32.54 32.41 -0.15
N THR C 352 -33.38 31.45 0.22
CA THR C 352 -33.55 31.08 1.61
C THR C 352 -32.34 30.31 2.14
N ASN C 353 -31.84 30.69 3.33
CA ASN C 353 -30.74 29.99 3.95
C ASN C 353 -31.37 28.78 4.65
N GLN C 354 -31.11 27.56 4.16
CA GLN C 354 -31.68 26.35 4.72
C GLN C 354 -30.93 25.81 5.94
N ASN C 355 -29.84 26.47 6.36
CA ASN C 355 -29.06 26.07 7.53
C ASN C 355 -29.62 26.83 8.71
N THR C 356 -30.41 26.16 9.52
CA THR C 356 -30.98 26.81 10.69
C THR C 356 -29.93 27.06 11.75
N PRO C 357 -30.15 28.04 12.65
CA PRO C 357 -29.21 28.25 13.75
C PRO C 357 -29.00 26.95 14.57
N GLU C 358 -30.09 26.20 14.79
CA GLU C 358 -30.01 24.93 15.53
C GLU C 358 -29.08 23.93 14.82
N TYR C 359 -29.23 23.81 13.51
CA TYR C 359 -28.43 22.87 12.73
C TYR C 359 -26.95 23.24 12.79
N MET C 360 -26.64 24.50 12.54
CA MET C 360 -25.26 24.98 12.53
C MET C 360 -24.61 24.80 13.89
N GLU C 361 -25.35 25.07 14.97
CA GLU C 361 -24.80 24.90 16.32
C GLU C 361 -24.53 23.42 16.62
N LYS C 362 -25.39 22.52 16.15
CA LYS C 362 -25.22 21.07 16.37
C LYS C 362 -23.93 20.59 15.68
N ILE C 363 -23.74 21.00 14.42
CA ILE C 363 -22.52 20.60 13.68
C ILE C 363 -21.26 21.19 14.34
N LYS C 364 -21.27 22.49 14.66
CA LYS C 364 -20.12 23.15 15.30
C LYS C 364 -19.77 22.47 16.62
N GLN C 365 -20.81 22.09 17.42
CA GLN C 365 -20.51 21.45 18.70
C GLN C 365 -19.87 20.08 18.51
N ARG C 366 -20.32 19.33 17.51
CA ARG C 366 -19.73 18.00 17.22
C ARG C 366 -18.30 18.18 16.77
N LEU C 367 -18.03 19.18 15.91
CA LEU C 367 -16.66 19.38 15.44
C LEU C 367 -15.73 19.77 16.58
N PHE C 368 -16.23 20.59 17.51
CA PHE C 368 -15.42 20.98 18.67
C PHE C 368 -15.15 19.76 19.55
N GLU C 369 -16.11 18.84 19.67
CA GLU C 369 -15.91 17.61 20.46
C GLU C 369 -14.83 16.76 19.79
N ASN C 370 -14.90 16.61 18.46
CA ASN C 370 -13.89 15.83 17.73
C ASN C 370 -12.51 16.47 17.83
N LEU C 371 -12.44 17.80 17.78
CA LEU C 371 -11.17 18.52 17.89
C LEU C 371 -10.54 18.36 19.28
N ARG C 372 -11.36 18.20 20.32
N ARG C 372 -11.36 18.20 20.32
CA ARG C 372 -10.83 17.99 21.68
CA ARG C 372 -10.84 17.98 21.67
C ARG C 372 -10.22 16.57 21.84
C ARG C 372 -10.18 16.59 21.80
N MET C 373 -10.53 15.63 20.93
CA MET C 373 -9.99 14.28 20.94
C MET C 373 -8.58 14.21 20.34
N LEU C 374 -8.06 15.31 19.75
CA LEU C 374 -6.70 15.35 19.20
C LEU C 374 -5.71 15.24 20.36
N PRO C 375 -4.58 14.53 20.20
CA PRO C 375 -3.62 14.41 21.31
C PRO C 375 -3.06 15.75 21.76
N HIS C 376 -3.07 15.97 23.07
CA HIS C 376 -2.59 17.20 23.68
C HIS C 376 -2.18 16.96 25.13
#